data_6C5B
#
_entry.id   6C5B
#
_cell.length_a   56.275
_cell.length_b   81.017
_cell.length_c   72.164
_cell.angle_alpha   90.00
_cell.angle_beta   98.23
_cell.angle_gamma   90.00
#
_symmetry.space_group_name_H-M   'P 1 21 1'
#
loop_
_entity.id
_entity.type
_entity.pdbx_description
1 polymer Methyltransferase
2 non-polymer S-ADENOSYL-L-HOMOCYSTEINE
3 non-polymer 'FORMIC ACID'
4 non-polymer 'SODIUM ION'
5 non-polymer 3,6,9,12,15,18-HEXAOXAICOSANE-1,20-DIOL
6 water water
#
_entity_poly.entity_id   1
_entity_poly.type   'polypeptide(L)'
_entity_poly.pdbx_seq_one_letter_code
;MTENNRAGAVPLSSILLQMITGYWVTQSLYVAAKLGIADLVADAPKPIEELAAKTGAKAPLLKRVLRTIASIGVFTETEP
GIFGITPLAALLRSGTPDSMRPQAIMHGEEQYRAWADVLHNVQTGETAFEKEFGTSYFGYLAKHPEADRVFNEAQAGYTK
QVAHAVVDAYDFSPFKTVIDIGAGYGPLLSAILRSQPEARGILFDQPHVAQAAGKRLAEAGVGDRCGTVGGDFFVEVPAD
GDVYILSLLLHDWDDQRSIEILRNCRRAMPAHGKLLIVELVLPEGEEPFFGKWLDLHMLVLLGAQERTADEFKTLFAASG
FALERVLPTASGLSIVEARPI
;
_entity_poly.pdbx_strand_id   A,B
#
# COMPACT_ATOMS: atom_id res chain seq x y z
N VAL A 10 17.07 -12.02 -8.30
CA VAL A 10 16.05 -11.19 -7.56
C VAL A 10 16.08 -11.48 -6.04
N PRO A 11 16.94 -10.76 -5.30
CA PRO A 11 17.13 -11.07 -3.88
C PRO A 11 15.82 -11.05 -3.06
N LEU A 12 15.76 -11.89 -2.02
CA LEU A 12 14.58 -11.97 -1.17
C LEU A 12 14.32 -10.62 -0.57
N SER A 13 15.38 -9.87 -0.24
CA SER A 13 15.20 -8.59 0.39
C SER A 13 14.48 -7.63 -0.55
N SER A 14 14.71 -7.75 -1.84
CA SER A 14 13.98 -6.92 -2.82
C SER A 14 12.51 -7.32 -2.92
N ILE A 15 12.20 -8.62 -2.84
CA ILE A 15 10.84 -9.08 -2.85
C ILE A 15 10.11 -8.48 -1.65
N LEU A 16 10.72 -8.54 -0.48
CA LEU A 16 10.05 -8.06 0.72
C LEU A 16 9.93 -6.51 0.66
N LEU A 17 10.96 -5.82 0.17
CA LEU A 17 10.86 -4.36 0.10
C LEU A 17 9.70 -3.95 -0.83
N GLN A 18 9.52 -4.66 -1.93
CA GLN A 18 8.41 -4.38 -2.86
C GLN A 18 7.05 -4.61 -2.16
N MET A 19 6.96 -5.61 -1.31
CA MET A 19 5.74 -5.86 -0.53
C MET A 19 5.50 -4.73 0.48
N ILE A 20 6.52 -4.34 1.22
CA ILE A 20 6.41 -3.33 2.26
C ILE A 20 6.00 -2.01 1.61
N THR A 21 6.43 -1.75 0.39
CA THR A 21 6.13 -0.47 -0.25
C THR A 21 4.90 -0.53 -1.17
N GLY A 22 4.03 -1.49 -0.93
CA GLY A 22 2.78 -1.59 -1.68
C GLY A 22 1.96 -0.31 -1.63
N TYR A 23 1.93 0.36 -0.49
CA TYR A 23 1.18 1.62 -0.34
C TYR A 23 1.54 2.70 -1.38
N TRP A 24 2.79 2.73 -1.84
CA TRP A 24 3.18 3.65 -2.90
C TRP A 24 2.40 3.42 -4.17
N VAL A 25 2.14 2.15 -4.49
CA VAL A 25 1.43 1.80 -5.71
C VAL A 25 -0.03 2.26 -5.59
N THR A 26 -0.66 1.93 -4.46
CA THR A 26 -2.03 2.39 -4.21
C THR A 26 -2.17 3.89 -4.42
N GLN A 27 -1.26 4.65 -3.83
CA GLN A 27 -1.40 6.10 -3.90
C GLN A 27 -1.02 6.68 -5.24
N SER A 28 -0.06 6.08 -5.91
CA SER A 28 0.32 6.62 -7.22
C SER A 28 -0.80 6.39 -8.24
N LEU A 29 -1.42 5.23 -8.21
CA LEU A 29 -2.58 4.97 -9.04
C LEU A 29 -3.75 5.87 -8.62
N TYR A 30 -3.94 6.10 -7.33
CA TYR A 30 -4.98 7.00 -6.88
C TYR A 30 -4.81 8.39 -7.52
N VAL A 31 -3.60 8.95 -7.54
CA VAL A 31 -3.40 10.26 -8.14
C VAL A 31 -3.88 10.22 -9.59
N ALA A 32 -3.45 9.24 -10.37
CA ALA A 32 -3.82 9.24 -11.79
C ALA A 32 -5.34 9.07 -12.00
N ALA A 33 -5.95 8.23 -11.18
CA ALA A 33 -7.38 7.98 -11.23
C ALA A 33 -8.17 9.21 -10.84
N LYS A 34 -7.81 9.82 -9.71
CA LYS A 34 -8.55 10.97 -9.22
C LYS A 34 -8.47 12.14 -10.20
N LEU A 35 -7.29 12.38 -10.76
CA LEU A 35 -7.11 13.49 -11.71
C LEU A 35 -7.74 13.20 -13.07
N GLY A 36 -8.04 11.96 -13.35
CA GLY A 36 -8.78 11.63 -14.57
C GLY A 36 -7.91 11.57 -15.81
N ILE A 37 -6.66 11.21 -15.64
CA ILE A 37 -5.70 11.22 -16.73
C ILE A 37 -6.14 10.25 -17.83
N ALA A 38 -6.67 9.05 -17.47
CA ALA A 38 -7.08 8.10 -18.50
C ALA A 38 -8.13 8.67 -19.41
N ASP A 39 -9.07 9.45 -18.90
CA ASP A 39 -10.11 10.06 -19.78
C ASP A 39 -9.46 11.05 -20.72
N LEU A 40 -8.48 11.79 -20.23
CA LEU A 40 -7.83 12.80 -21.06
C LEU A 40 -7.06 12.18 -22.25
N VAL A 41 -6.46 11.00 -22.05
CA VAL A 41 -5.64 10.34 -23.09
C VAL A 41 -6.35 9.14 -23.73
N ALA A 42 -7.64 8.98 -23.49
CA ALA A 42 -8.37 7.80 -23.98
C ALA A 42 -8.30 7.69 -25.51
N ASP A 43 -8.38 8.83 -26.19
CA ASP A 43 -8.44 8.83 -27.68
C ASP A 43 -7.11 9.12 -28.40
N ALA A 44 -6.17 9.75 -27.70
CA ALA A 44 -4.87 10.10 -28.26
C ALA A 44 -3.93 10.54 -27.16
N PRO A 45 -2.64 10.36 -27.39
CA PRO A 45 -1.70 10.81 -26.36
C PRO A 45 -1.65 12.33 -26.20
N LYS A 46 -1.30 12.78 -25.01
CA LYS A 46 -1.30 14.20 -24.69
C LYS A 46 0.00 14.63 -24.00
N PRO A 47 0.49 15.84 -24.31
CA PRO A 47 1.69 16.31 -23.66
C PRO A 47 1.39 16.69 -22.21
N ILE A 48 2.42 16.54 -21.40
CA ILE A 48 2.29 16.79 -19.97
C ILE A 48 1.80 18.22 -19.66
N GLU A 49 2.18 19.20 -20.48
CA GLU A 49 1.72 20.56 -20.20
C GLU A 49 0.19 20.65 -20.23
N GLU A 50 -0.39 19.96 -21.20
CA GLU A 50 -1.83 19.97 -21.40
C GLU A 50 -2.53 19.20 -20.26
N LEU A 51 -1.93 18.08 -19.91
CA LEU A 51 -2.46 17.28 -18.79
C LEU A 51 -2.43 18.05 -17.50
N ALA A 52 -1.30 18.74 -17.24
CA ALA A 52 -1.19 19.55 -16.03
C ALA A 52 -2.25 20.67 -16.02
N ALA A 53 -2.37 21.38 -17.13
CA ALA A 53 -3.36 22.46 -17.22
C ALA A 53 -4.79 21.99 -16.95
N LYS A 54 -5.20 20.88 -17.54
CA LYS A 54 -6.57 20.38 -17.44
C LYS A 54 -6.90 19.85 -16.04
N THR A 55 -5.89 19.39 -15.33
CA THR A 55 -6.13 18.68 -14.06
C THR A 55 -5.82 19.50 -12.82
N GLY A 56 -5.23 20.66 -13.02
CA GLY A 56 -4.78 21.52 -11.92
C GLY A 56 -3.60 20.94 -11.18
N ALA A 57 -2.75 20.23 -11.89
CA ALA A 57 -1.60 19.61 -11.25
C ALA A 57 -0.36 20.36 -11.66
N LYS A 58 0.70 20.24 -10.85
CA LYS A 58 2.00 20.75 -11.26
C LYS A 58 2.64 19.82 -12.29
N ALA A 59 2.95 20.33 -13.46
CA ALA A 59 3.48 19.49 -14.54
C ALA A 59 4.67 18.62 -14.17
N PRO A 60 5.69 19.19 -13.53
CA PRO A 60 6.87 18.32 -13.25
C PRO A 60 6.56 17.16 -12.30
N LEU A 61 5.68 17.41 -11.34
CA LEU A 61 5.30 16.41 -10.37
C LEU A 61 4.38 15.36 -10.99
N LEU A 62 3.40 15.78 -11.76
CA LEU A 62 2.56 14.84 -12.50
C LEU A 62 3.40 13.98 -13.46
N LYS A 63 4.36 14.59 -14.17
CA LYS A 63 5.25 13.83 -15.05
C LYS A 63 5.93 12.67 -14.30
N ARG A 64 6.42 12.95 -13.11
CA ARG A 64 7.09 11.96 -12.28
C ARG A 64 6.15 10.81 -11.91
N VAL A 65 4.96 11.14 -11.46
CA VAL A 65 3.99 10.10 -11.11
C VAL A 65 3.71 9.26 -12.34
N LEU A 66 3.42 9.90 -13.47
CA LEU A 66 3.07 9.17 -14.65
C LEU A 66 4.20 8.29 -15.18
N ARG A 67 5.42 8.81 -15.23
CA ARG A 67 6.60 8.00 -15.60
CA ARG A 67 6.50 7.93 -15.68
C ARG A 67 6.72 6.75 -14.70
N THR A 68 6.45 6.92 -13.40
CA THR A 68 6.65 5.83 -12.46
C THR A 68 5.61 4.74 -12.69
N ILE A 69 4.33 5.12 -12.84
CA ILE A 69 3.33 4.11 -13.09
C ILE A 69 3.42 3.52 -14.53
N ALA A 70 3.94 4.30 -15.46
CA ALA A 70 4.18 3.79 -16.81
C ALA A 70 5.15 2.61 -16.77
N SER A 71 6.09 2.65 -15.85
CA SER A 71 7.10 1.57 -15.77
C SER A 71 6.50 0.26 -15.27
N ILE A 72 5.29 0.29 -14.72
CA ILE A 72 4.54 -0.94 -14.45
C ILE A 72 3.32 -1.14 -15.34
N GLY A 73 3.33 -0.51 -16.52
CA GLY A 73 2.31 -0.77 -17.48
C GLY A 73 1.07 0.08 -17.45
N VAL A 74 1.04 1.12 -16.61
CA VAL A 74 -0.13 1.95 -16.48
C VAL A 74 0.20 3.32 -17.09
N PHE A 75 -0.33 3.57 -18.29
CA PHE A 75 0.08 4.66 -19.20
C PHE A 75 1.43 4.34 -19.82
N THR A 76 1.75 5.10 -20.86
CA THR A 76 3.04 4.93 -21.52
C THR A 76 3.52 6.29 -22.04
N GLU A 77 4.82 6.54 -21.92
CA GLU A 77 5.42 7.77 -22.41
C GLU A 77 5.76 7.53 -23.85
N THR A 78 4.93 8.04 -24.74
CA THR A 78 5.02 7.72 -26.17
C THR A 78 6.21 8.41 -26.82
N GLU A 79 6.52 9.59 -26.31
CA GLU A 79 7.71 10.36 -26.64
C GLU A 79 7.94 11.18 -25.36
N PRO A 80 9.10 11.84 -25.23
CA PRO A 80 9.37 12.48 -23.92
C PRO A 80 8.31 13.50 -23.53
N GLY A 81 7.74 13.37 -22.34
CA GLY A 81 6.73 14.30 -21.88
C GLY A 81 5.39 14.23 -22.60
N ILE A 82 5.15 13.14 -23.33
CA ILE A 82 3.86 12.89 -23.95
C ILE A 82 3.37 11.51 -23.51
N PHE A 83 2.15 11.45 -23.00
CA PHE A 83 1.63 10.22 -22.40
C PHE A 83 0.40 9.72 -23.05
N GLY A 84 0.35 8.42 -23.25
CA GLY A 84 -0.82 7.76 -23.78
C GLY A 84 -1.36 6.61 -22.94
N ILE A 85 -2.47 6.07 -23.41
CA ILE A 85 -3.19 5.01 -22.72
C ILE A 85 -2.47 3.67 -22.90
N THR A 86 -2.72 2.77 -21.96
CA THR A 86 -2.38 1.35 -22.08
C THR A 86 -3.60 0.54 -21.62
N PRO A 87 -3.59 -0.77 -21.84
CA PRO A 87 -4.77 -1.56 -21.39
C PRO A 87 -5.06 -1.47 -19.88
N LEU A 88 -4.03 -1.42 -19.05
CA LEU A 88 -4.29 -1.26 -17.62
C LEU A 88 -4.86 0.11 -17.32
N ALA A 89 -4.31 1.14 -17.95
CA ALA A 89 -4.84 2.50 -17.69
C ALA A 89 -6.24 2.69 -18.25
N ALA A 90 -6.61 1.96 -19.31
CA ALA A 90 -7.98 2.05 -19.84
C ALA A 90 -9.02 1.69 -18.79
N LEU A 91 -8.67 0.80 -17.86
CA LEU A 91 -9.59 0.43 -16.77
C LEU A 91 -9.79 1.63 -15.82
N LEU A 92 -8.97 2.66 -15.91
CA LEU A 92 -9.17 3.86 -15.08
C LEU A 92 -10.02 4.96 -15.73
N ARG A 93 -10.52 4.72 -16.93
CA ARG A 93 -11.43 5.65 -17.57
C ARG A 93 -12.73 5.69 -16.79
N SER A 94 -13.45 6.80 -16.94
CA SER A 94 -14.75 6.97 -16.28
C SER A 94 -15.92 6.43 -17.11
N GLY A 95 -16.86 5.78 -16.44
CA GLY A 95 -18.18 5.43 -17.02
C GLY A 95 -18.17 4.32 -18.07
N THR A 96 -17.02 3.71 -18.27
CA THR A 96 -16.90 2.59 -19.20
C THR A 96 -17.43 1.37 -18.47
N PRO A 97 -17.81 0.33 -19.21
CA PRO A 97 -18.47 -0.85 -18.62
C PRO A 97 -17.61 -1.60 -17.58
N ASP A 98 -16.29 -1.64 -17.79
CA ASP A 98 -15.38 -2.37 -16.91
C ASP A 98 -14.58 -1.41 -16.01
N SER A 99 -15.00 -0.16 -15.95
CA SER A 99 -14.24 0.86 -15.21
C SER A 99 -13.93 0.36 -13.79
N MET A 100 -12.70 0.56 -13.41
CA MET A 100 -12.21 0.41 -12.04
C MET A 100 -11.81 1.73 -11.42
N ARG A 101 -12.14 2.83 -12.08
CA ARG A 101 -11.81 4.14 -11.55
C ARG A 101 -12.35 4.32 -10.13
N PRO A 102 -13.61 3.92 -9.90
CA PRO A 102 -14.11 4.11 -8.54
C PRO A 102 -13.33 3.32 -7.50
N GLN A 103 -12.88 2.11 -7.83
CA GLN A 103 -12.11 1.28 -6.93
C GLN A 103 -10.78 1.98 -6.61
N ALA A 104 -10.10 2.53 -7.61
CA ALA A 104 -8.85 3.18 -7.37
C ALA A 104 -9.04 4.43 -6.48
N ILE A 105 -10.13 5.15 -6.69
CA ILE A 105 -10.41 6.32 -5.88
C ILE A 105 -10.74 5.90 -4.46
N MET A 106 -11.63 4.94 -4.31
CA MET A 106 -12.05 4.46 -3.00
C MET A 106 -10.84 4.05 -2.14
N HIS A 107 -10.00 3.22 -2.70
CA HIS A 107 -8.88 2.71 -1.92
C HIS A 107 -7.81 3.74 -1.54
N GLY A 108 -7.79 4.90 -2.17
CA GLY A 108 -6.82 5.92 -1.83
C GLY A 108 -7.29 6.96 -0.82
N GLU A 109 -8.56 6.90 -0.44
CA GLU A 109 -9.18 7.95 0.39
C GLU A 109 -9.45 7.43 1.82
N GLU A 110 -10.70 7.44 2.30
CA GLU A 110 -10.92 7.09 3.70
C GLU A 110 -10.46 5.68 4.08
N GLN A 111 -10.59 4.76 3.14
CA GLN A 111 -10.23 3.36 3.43
C GLN A 111 -8.71 3.26 3.68
N TYR A 112 -7.95 4.01 2.91
CA TYR A 112 -6.50 4.09 3.13
C TYR A 112 -6.17 4.63 4.53
N ARG A 113 -6.84 5.71 4.92
CA ARG A 113 -6.60 6.32 6.23
CA ARG A 113 -6.60 6.32 6.23
C ARG A 113 -7.03 5.39 7.36
N ALA A 114 -8.17 4.69 7.20
CA ALA A 114 -8.57 3.73 8.24
C ALA A 114 -7.55 2.61 8.43
N TRP A 115 -6.95 2.16 7.32
CA TRP A 115 -5.95 1.09 7.38
C TRP A 115 -4.69 1.49 8.14
N ALA A 116 -4.45 2.77 8.33
CA ALA A 116 -3.33 3.19 9.16
C ALA A 116 -3.45 2.67 10.60
N ASP A 117 -4.65 2.37 11.04
CA ASP A 117 -4.93 1.95 12.42
C ASP A 117 -5.19 0.46 12.56
N VAL A 118 -4.82 -0.34 11.56
CA VAL A 118 -5.08 -1.78 11.66
C VAL A 118 -4.34 -2.43 12.85
N LEU A 119 -3.15 -1.95 13.18
CA LEU A 119 -2.44 -2.52 14.34
C LEU A 119 -3.25 -2.35 15.59
N HIS A 120 -3.75 -1.13 15.82
CA HIS A 120 -4.54 -0.89 17.00
C HIS A 120 -5.77 -1.76 16.99
N ASN A 121 -6.38 -1.95 15.82
CA ASN A 121 -7.56 -2.82 15.72
C ASN A 121 -7.23 -4.27 16.13
N VAL A 122 -6.06 -4.75 15.72
CA VAL A 122 -5.64 -6.12 16.06
C VAL A 122 -5.29 -6.23 17.53
N GLN A 123 -4.72 -5.18 18.10
CA GLN A 123 -4.40 -5.21 19.51
C GLN A 123 -5.62 -5.16 20.40
N THR A 124 -6.60 -4.36 20.03
CA THR A 124 -7.69 -4.01 20.94
C THR A 124 -9.07 -4.46 20.54
N GLY A 125 -9.24 -4.87 19.28
CA GLY A 125 -10.55 -5.15 18.78
C GLY A 125 -11.39 -3.93 18.38
N GLU A 126 -10.86 -2.73 18.57
CA GLU A 126 -11.59 -1.53 18.19
CA GLU A 126 -11.58 -1.50 18.18
C GLU A 126 -11.48 -1.27 16.67
N THR A 127 -12.62 -1.17 16.00
CA THR A 127 -12.65 -0.99 14.56
C THR A 127 -11.90 0.26 14.10
N ALA A 128 -10.93 0.08 13.20
CA ALA A 128 -10.03 1.15 12.79
C ALA A 128 -10.77 2.33 12.20
N PHE A 129 -11.80 2.06 11.36
CA PHE A 129 -12.49 3.16 10.73
C PHE A 129 -13.21 4.03 11.74
N GLU A 130 -13.78 3.38 12.76
CA GLU A 130 -14.52 4.05 13.79
C GLU A 130 -13.56 4.86 14.67
N LYS A 131 -12.36 4.35 14.93
CA LYS A 131 -11.33 5.13 15.62
C LYS A 131 -10.95 6.37 14.81
N GLU A 132 -10.74 6.23 13.52
CA GLU A 132 -10.22 7.31 12.70
C GLU A 132 -11.30 8.37 12.40
N PHE A 133 -12.55 7.94 12.17
CA PHE A 133 -13.62 8.86 11.72
C PHE A 133 -14.73 9.14 12.72
N GLY A 134 -14.76 8.42 13.83
CA GLY A 134 -15.73 8.65 14.93
C GLY A 134 -17.15 8.22 14.68
N THR A 135 -17.36 7.39 13.67
CA THR A 135 -18.69 6.90 13.37
C THR A 135 -18.57 5.60 12.57
N SER A 136 -19.68 4.91 12.40
CA SER A 136 -19.68 3.68 11.60
C SER A 136 -19.43 4.00 10.14
N TYR A 137 -19.00 2.97 9.42
CA TYR A 137 -18.72 3.12 7.99
C TYR A 137 -19.94 3.56 7.16
N PHE A 138 -21.06 2.86 7.27
CA PHE A 138 -22.20 3.28 6.52
C PHE A 138 -22.78 4.57 7.04
N GLY A 139 -22.65 4.83 8.34
CA GLY A 139 -23.10 6.13 8.87
C GLY A 139 -22.33 7.27 8.20
N TYR A 140 -21.01 7.12 8.06
CA TYR A 140 -20.20 8.10 7.40
C TYR A 140 -20.65 8.24 5.95
N LEU A 141 -20.79 7.14 5.25
CA LEU A 141 -21.13 7.25 3.84
C LEU A 141 -22.48 7.91 3.60
N ALA A 142 -23.43 7.70 4.51
CA ALA A 142 -24.75 8.32 4.33
C ALA A 142 -24.69 9.84 4.44
N LYS A 143 -23.66 10.38 5.08
CA LYS A 143 -23.50 11.85 5.22
C LYS A 143 -22.50 12.50 4.23
N HIS A 144 -21.83 11.68 3.41
CA HIS A 144 -20.79 12.11 2.50
C HIS A 144 -21.10 11.61 1.09
N PRO A 145 -21.86 12.38 0.32
CA PRO A 145 -22.40 11.90 -0.95
C PRO A 145 -21.35 11.51 -1.98
N GLU A 146 -20.23 12.23 -2.04
CA GLU A 146 -19.23 11.93 -3.02
C GLU A 146 -18.59 10.57 -2.72
N ALA A 147 -18.28 10.34 -1.45
CA ALA A 147 -17.71 9.05 -1.02
C ALA A 147 -18.73 7.94 -1.17
N ASP A 148 -19.99 8.24 -0.95
CA ASP A 148 -21.02 7.26 -1.12
C ASP A 148 -21.11 6.82 -2.56
N ARG A 149 -21.12 7.74 -3.51
CA ARG A 149 -21.25 7.34 -4.91
C ARG A 149 -20.04 6.47 -5.27
N VAL A 150 -18.84 6.92 -4.88
CA VAL A 150 -17.66 6.11 -5.15
C VAL A 150 -17.78 4.69 -4.60
N PHE A 151 -18.23 4.56 -3.36
CA PHE A 151 -18.32 3.26 -2.77
C PHE A 151 -19.26 2.38 -3.54
N ASN A 152 -20.41 2.92 -3.88
CA ASN A 152 -21.45 2.12 -4.45
C ASN A 152 -21.05 1.70 -5.86
N GLU A 153 -20.36 2.60 -6.58
CA GLU A 153 -19.91 2.27 -7.97
C GLU A 153 -18.74 1.31 -7.94
N ALA A 154 -17.88 1.44 -6.92
CA ALA A 154 -16.78 0.50 -6.76
C ALA A 154 -17.31 -0.88 -6.43
N GLN A 155 -18.22 -0.94 -5.48
CA GLN A 155 -18.80 -2.20 -5.11
C GLN A 155 -19.51 -2.89 -6.26
N ALA A 156 -20.29 -2.12 -7.01
CA ALA A 156 -21.03 -2.69 -8.14
C ALA A 156 -20.04 -3.14 -9.22
N GLY A 157 -18.97 -2.42 -9.43
CA GLY A 157 -17.99 -2.85 -10.40
C GLY A 157 -17.35 -4.17 -10.03
N TYR A 158 -17.02 -4.37 -8.77
CA TYR A 158 -16.47 -5.65 -8.33
C TYR A 158 -17.46 -6.77 -8.56
N THR A 159 -18.69 -6.58 -8.13
CA THR A 159 -19.71 -7.62 -8.20
C THR A 159 -20.09 -7.93 -9.65
N LYS A 160 -20.10 -6.92 -10.50
CA LYS A 160 -20.41 -7.15 -11.91
C LYS A 160 -19.46 -8.17 -12.53
N GLN A 161 -18.19 -8.12 -12.16
CA GLN A 161 -17.21 -8.99 -12.76
C GLN A 161 -17.32 -10.47 -12.30
N VAL A 162 -18.12 -10.75 -11.26
CA VAL A 162 -18.30 -12.12 -10.75
C VAL A 162 -19.75 -12.61 -10.88
N ALA A 163 -20.65 -11.76 -11.33
CA ALA A 163 -22.08 -12.11 -11.34
C ALA A 163 -22.41 -13.29 -12.25
N HIS A 164 -21.76 -13.36 -13.41
CA HIS A 164 -22.02 -14.48 -14.29
C HIS A 164 -21.61 -15.80 -13.61
N ALA A 165 -20.56 -15.80 -12.82
CA ALA A 165 -20.11 -17.02 -12.16
C ALA A 165 -21.17 -17.51 -11.17
N VAL A 166 -21.88 -16.58 -10.54
CA VAL A 166 -22.95 -16.94 -9.63
C VAL A 166 -24.15 -17.47 -10.37
N VAL A 167 -24.57 -16.78 -11.42
CA VAL A 167 -25.71 -17.26 -12.17
C VAL A 167 -25.45 -18.61 -12.83
N ASP A 168 -24.24 -18.82 -13.34
CA ASP A 168 -23.89 -20.11 -13.94
C ASP A 168 -23.97 -21.26 -12.94
N ALA A 169 -23.72 -20.98 -11.65
CA ALA A 169 -23.62 -22.02 -10.62
C ALA A 169 -24.95 -22.43 -9.98
N TYR A 170 -26.01 -21.68 -10.25
CA TYR A 170 -27.29 -21.91 -9.61
C TYR A 170 -28.41 -21.71 -10.59
N ASP A 171 -29.39 -22.60 -10.54
CA ASP A 171 -30.54 -22.47 -11.42
C ASP A 171 -31.60 -21.61 -10.77
N PHE A 172 -31.76 -20.41 -11.31
CA PHE A 172 -32.73 -19.46 -10.80
C PHE A 172 -34.11 -19.57 -11.44
N SER A 173 -34.28 -20.56 -12.32
CA SER A 173 -35.55 -20.74 -13.03
C SER A 173 -36.81 -20.96 -12.16
N PRO A 174 -36.70 -21.59 -10.98
CA PRO A 174 -37.92 -21.82 -10.20
C PRO A 174 -38.51 -20.60 -9.52
N PHE A 175 -37.81 -19.47 -9.49
CA PHE A 175 -38.23 -18.34 -8.69
C PHE A 175 -38.96 -17.26 -9.50
N LYS A 176 -40.18 -16.95 -9.10
CA LYS A 176 -40.93 -15.87 -9.75
C LYS A 176 -40.56 -14.48 -9.25
N THR A 177 -40.20 -14.38 -7.98
CA THR A 177 -39.85 -13.12 -7.38
C THR A 177 -38.51 -13.30 -6.68
N VAL A 178 -37.56 -12.45 -7.04
CA VAL A 178 -36.19 -12.50 -6.48
C VAL A 178 -35.96 -11.24 -5.72
N ILE A 179 -35.65 -11.36 -4.42
CA ILE A 179 -35.49 -10.23 -3.55
C ILE A 179 -34.03 -10.20 -3.11
N ASP A 180 -33.39 -9.07 -3.37
CA ASP A 180 -31.96 -8.91 -3.08
C ASP A 180 -31.86 -7.90 -1.96
N ILE A 181 -31.37 -8.38 -0.83
CA ILE A 181 -31.29 -7.63 0.43
C ILE A 181 -29.93 -6.94 0.58
N GLY A 182 -29.88 -5.63 0.67
CA GLY A 182 -28.65 -4.88 0.61
C GLY A 182 -27.97 -5.02 -0.74
N ALA A 183 -28.74 -4.77 -1.77
CA ALA A 183 -28.30 -5.04 -3.14
C ALA A 183 -27.35 -4.03 -3.74
N GLY A 184 -27.19 -2.88 -3.10
CA GLY A 184 -26.41 -1.77 -3.68
C GLY A 184 -27.08 -1.33 -4.97
N TYR A 185 -26.26 -1.15 -5.99
CA TYR A 185 -26.81 -0.80 -7.33
C TYR A 185 -27.26 -2.03 -8.17
N GLY A 186 -27.19 -3.21 -7.60
CA GLY A 186 -27.87 -4.37 -8.14
C GLY A 186 -27.26 -5.13 -9.30
N PRO A 187 -25.93 -5.18 -9.45
CA PRO A 187 -25.47 -5.93 -10.64
C PRO A 187 -25.75 -7.45 -10.62
N LEU A 188 -25.74 -8.08 -9.44
CA LEU A 188 -26.06 -9.49 -9.38
C LEU A 188 -27.55 -9.71 -9.62
N LEU A 189 -28.40 -8.92 -8.97
CA LEU A 189 -29.82 -8.99 -9.24
C LEU A 189 -30.10 -8.82 -10.73
N SER A 190 -29.42 -7.87 -11.37
CA SER A 190 -29.64 -7.62 -12.79
C SER A 190 -29.25 -8.85 -13.59
N ALA A 191 -28.15 -9.49 -13.25
CA ALA A 191 -27.70 -10.69 -13.99
C ALA A 191 -28.71 -11.80 -13.85
N ILE A 192 -29.23 -11.95 -12.65
CA ILE A 192 -30.24 -12.94 -12.41
C ILE A 192 -31.48 -12.69 -13.27
N LEU A 193 -32.00 -11.46 -13.24
CA LEU A 193 -33.18 -11.12 -14.00
C LEU A 193 -32.94 -11.25 -15.51
N ARG A 194 -31.76 -10.87 -16.00
CA ARG A 194 -31.42 -10.99 -17.43
C ARG A 194 -31.55 -12.43 -17.83
N SER A 195 -31.11 -13.34 -16.95
CA SER A 195 -31.08 -14.78 -17.21
C SER A 195 -32.47 -15.42 -17.16
N GLN A 196 -33.44 -14.75 -16.51
CA GLN A 196 -34.79 -15.26 -16.33
C GLN A 196 -35.79 -14.18 -16.68
N PRO A 197 -36.12 -14.03 -17.99
CA PRO A 197 -37.00 -12.97 -18.47
C PRO A 197 -38.39 -12.90 -17.84
N GLU A 198 -38.88 -14.02 -17.29
CA GLU A 198 -40.19 -14.08 -16.65
C GLU A 198 -40.17 -13.66 -15.18
N ALA A 199 -38.97 -13.59 -14.59
CA ALA A 199 -38.83 -13.25 -13.16
C ALA A 199 -39.04 -11.76 -12.90
N ARG A 200 -39.47 -11.44 -11.68
CA ARG A 200 -39.55 -10.06 -11.22
C ARG A 200 -38.59 -9.95 -10.05
N GLY A 201 -38.03 -8.75 -9.87
CA GLY A 201 -37.05 -8.50 -8.84
C GLY A 201 -37.49 -7.39 -7.90
N ILE A 202 -37.00 -7.48 -6.66
CA ILE A 202 -37.07 -6.38 -5.73
C ILE A 202 -35.65 -6.11 -5.24
N LEU A 203 -35.17 -4.89 -5.45
CA LEU A 203 -33.91 -4.39 -4.94
C LEU A 203 -34.15 -3.67 -3.65
N PHE A 204 -33.51 -4.11 -2.59
CA PHE A 204 -33.69 -3.51 -1.27
C PHE A 204 -32.38 -2.96 -0.77
N ASP A 205 -32.39 -1.71 -0.36
CA ASP A 205 -31.22 -1.11 0.25
C ASP A 205 -31.66 0.11 1.02
N GLN A 206 -30.71 0.87 1.56
CA GLN A 206 -31.05 2.12 2.21
C GLN A 206 -31.78 3.03 1.21
N PRO A 207 -32.65 3.93 1.73
CA PRO A 207 -33.38 4.78 0.78
C PRO A 207 -32.52 5.51 -0.25
N HIS A 208 -31.37 6.07 0.15
CA HIS A 208 -30.61 6.85 -0.80
C HIS A 208 -29.98 5.96 -1.85
N VAL A 209 -29.68 4.72 -1.49
CA VAL A 209 -29.07 3.78 -2.43
C VAL A 209 -30.13 3.20 -3.36
N ALA A 210 -31.28 2.80 -2.80
CA ALA A 210 -32.37 2.26 -3.60
C ALA A 210 -32.84 3.33 -4.58
N GLN A 211 -32.88 4.58 -4.13
CA GLN A 211 -33.24 5.67 -5.03
C GLN A 211 -32.30 5.73 -6.24
N ALA A 212 -30.99 5.69 -5.98
CA ALA A 212 -30.00 5.78 -7.04
C ALA A 212 -29.92 4.54 -7.90
N ALA A 213 -30.35 3.39 -7.39
CA ALA A 213 -30.22 2.12 -8.13
C ALA A 213 -31.11 2.05 -9.37
N GLY A 214 -32.20 2.79 -9.38
CA GLY A 214 -33.16 2.72 -10.47
C GLY A 214 -32.52 3.00 -11.81
N LYS A 215 -31.68 4.00 -11.83
CA LYS A 215 -31.03 4.40 -13.06
C LYS A 215 -30.13 3.27 -13.56
N ARG A 216 -29.46 2.59 -12.64
CA ARG A 216 -28.54 1.50 -13.02
C ARG A 216 -29.30 0.28 -13.52
N LEU A 217 -30.43 -0.02 -12.90
CA LEU A 217 -31.27 -1.12 -13.34
C LEU A 217 -31.86 -0.85 -14.73
N ALA A 218 -32.22 0.40 -15.00
CA ALA A 218 -32.68 0.78 -16.33
C ALA A 218 -31.58 0.52 -17.36
N GLU A 219 -30.36 0.95 -17.07
CA GLU A 219 -29.23 0.74 -17.98
C GLU A 219 -28.95 -0.73 -18.21
N ALA A 220 -29.18 -1.54 -17.19
CA ALA A 220 -28.91 -2.96 -17.24
C ALA A 220 -30.01 -3.70 -17.99
N GLY A 221 -31.08 -2.98 -18.31
CA GLY A 221 -32.17 -3.53 -19.10
C GLY A 221 -33.18 -4.35 -18.33
N VAL A 222 -33.22 -4.18 -17.00
CA VAL A 222 -34.17 -4.95 -16.18
C VAL A 222 -35.13 -4.08 -15.38
N GLY A 223 -35.04 -2.75 -15.61
CA GLY A 223 -35.80 -1.80 -14.81
C GLY A 223 -37.29 -2.03 -14.88
N ASP A 224 -37.77 -2.51 -16.02
CA ASP A 224 -39.22 -2.74 -16.16
C ASP A 224 -39.74 -3.88 -15.28
N ARG A 225 -38.85 -4.69 -14.73
CA ARG A 225 -39.23 -5.90 -14.01
C ARG A 225 -38.65 -5.89 -12.60
N CYS A 226 -38.21 -4.73 -12.13
CA CYS A 226 -37.45 -4.68 -10.88
C CYS A 226 -37.81 -3.43 -10.10
N GLY A 227 -38.44 -3.64 -8.95
CA GLY A 227 -38.77 -2.54 -8.05
C GLY A 227 -37.56 -2.22 -7.19
N THR A 228 -37.51 -1.02 -6.66
CA THR A 228 -36.50 -0.55 -5.70
C THR A 228 -37.17 -0.08 -4.42
N VAL A 229 -36.84 -0.78 -3.33
CA VAL A 229 -37.42 -0.52 -2.02
C VAL A 229 -36.34 -0.01 -1.09
N GLY A 230 -36.56 1.14 -0.48
CA GLY A 230 -35.67 1.70 0.51
C GLY A 230 -36.13 1.36 1.90
N GLY A 231 -35.19 1.04 2.78
CA GLY A 231 -35.47 0.81 4.18
C GLY A 231 -34.25 0.40 4.93
N ASP A 232 -34.47 -0.10 6.14
CA ASP A 232 -33.40 -0.55 7.04
C ASP A 232 -33.62 -2.02 7.35
N PHE A 233 -32.70 -2.90 6.90
CA PHE A 233 -32.88 -4.33 7.13
C PHE A 233 -32.75 -4.79 8.60
N PHE A 234 -32.38 -3.91 9.51
CA PHE A 234 -32.41 -4.23 10.90
C PHE A 234 -33.85 -4.08 11.44
N VAL A 235 -34.70 -3.42 10.68
CA VAL A 235 -36.12 -3.28 11.09
C VAL A 235 -37.04 -4.30 10.42
N GLU A 236 -37.00 -4.38 9.09
CA GLU A 236 -37.89 -5.18 8.28
C GLU A 236 -37.31 -5.37 6.91
N VAL A 237 -37.64 -6.46 6.23
CA VAL A 237 -37.40 -6.53 4.80
C VAL A 237 -38.70 -6.92 4.10
N PRO A 238 -38.75 -6.74 2.78
CA PRO A 238 -39.97 -7.02 2.02
C PRO A 238 -40.36 -8.49 2.06
N ALA A 239 -41.65 -8.74 2.12
CA ALA A 239 -42.20 -10.09 2.34
C ALA A 239 -42.47 -10.84 1.04
N ASP A 240 -42.63 -12.15 1.20
CA ASP A 240 -43.15 -13.05 0.21
C ASP A 240 -42.30 -13.31 -1.04
N GLY A 241 -41.01 -13.03 -0.98
CA GLY A 241 -40.12 -13.42 -2.07
C GLY A 241 -39.93 -14.93 -2.18
N ASP A 242 -39.67 -15.44 -3.38
CA ASP A 242 -39.38 -16.84 -3.56
C ASP A 242 -37.93 -17.18 -3.19
N VAL A 243 -37.03 -16.21 -3.38
CA VAL A 243 -35.66 -16.38 -2.99
C VAL A 243 -35.19 -15.01 -2.50
N TYR A 244 -34.45 -15.03 -1.39
CA TYR A 244 -33.80 -13.88 -0.74
C TYR A 244 -32.32 -14.03 -0.91
N ILE A 245 -31.72 -13.06 -1.58
CA ILE A 245 -30.27 -13.07 -1.84
C ILE A 245 -29.56 -12.06 -0.98
N LEU A 246 -28.54 -12.52 -0.26
CA LEU A 246 -27.65 -11.68 0.51
C LEU A 246 -26.26 -11.85 -0.07
N SER A 247 -25.85 -10.89 -0.86
CA SER A 247 -24.58 -10.98 -1.64
C SER A 247 -23.57 -9.95 -1.10
N LEU A 248 -22.43 -10.43 -0.62
CA LEU A 248 -21.36 -9.61 -0.06
C LEU A 248 -21.95 -8.67 0.94
N LEU A 249 -22.80 -9.25 1.81
CA LEU A 249 -23.58 -8.50 2.78
CA LEU A 249 -23.61 -8.52 2.76
C LEU A 249 -23.22 -8.88 4.20
N LEU A 250 -23.36 -10.15 4.56
CA LEU A 250 -23.12 -10.57 5.94
C LEU A 250 -21.68 -10.38 6.36
N HIS A 251 -20.74 -10.29 5.40
CA HIS A 251 -19.36 -10.03 5.77
C HIS A 251 -19.15 -8.59 6.25
N ASP A 252 -20.18 -7.76 6.16
CA ASP A 252 -20.12 -6.40 6.68
C ASP A 252 -20.52 -6.33 8.16
N TRP A 253 -20.97 -7.45 8.77
CA TRP A 253 -21.62 -7.40 10.07
C TRP A 253 -21.11 -8.46 11.02
N ASP A 254 -20.98 -8.08 12.29
CA ASP A 254 -20.62 -9.04 13.33
C ASP A 254 -21.73 -10.07 13.49
N ASP A 255 -21.51 -11.06 14.35
CA ASP A 255 -22.47 -12.16 14.44
C ASP A 255 -23.88 -11.70 14.89
N GLN A 256 -23.91 -10.81 15.87
CA GLN A 256 -25.16 -10.40 16.44
C GLN A 256 -26.00 -9.64 15.39
N ARG A 257 -25.35 -8.71 14.69
CA ARG A 257 -26.04 -7.96 13.64
C ARG A 257 -26.42 -8.82 12.46
N SER A 258 -25.58 -9.81 12.13
CA SER A 258 -25.93 -10.74 11.07
C SER A 258 -27.17 -11.55 11.43
N ILE A 259 -27.23 -11.98 12.68
CA ILE A 259 -28.43 -12.71 13.13
C ILE A 259 -29.68 -11.81 13.08
N GLU A 260 -29.54 -10.53 13.39
CA GLU A 260 -30.69 -9.61 13.29
C GLU A 260 -31.20 -9.58 11.85
N ILE A 261 -30.26 -9.44 10.88
CA ILE A 261 -30.66 -9.41 9.46
C ILE A 261 -31.35 -10.71 9.07
N LEU A 262 -30.74 -11.83 9.42
CA LEU A 262 -31.30 -13.11 9.06
C LEU A 262 -32.67 -13.37 9.66
N ARG A 263 -32.88 -12.95 10.89
CA ARG A 263 -34.20 -13.12 11.52
C ARG A 263 -35.26 -12.31 10.82
N ASN A 264 -34.92 -11.12 10.34
CA ASN A 264 -35.88 -10.32 9.57
C ASN A 264 -36.18 -10.99 8.23
N CYS A 265 -35.16 -11.58 7.59
CA CYS A 265 -35.41 -12.37 6.39
C CYS A 265 -36.30 -13.58 6.68
N ARG A 266 -36.06 -14.22 7.82
CA ARG A 266 -36.83 -15.39 8.15
C ARG A 266 -38.31 -15.05 8.34
N ARG A 267 -38.60 -13.92 9.00
CA ARG A 267 -40.04 -13.62 9.24
C ARG A 267 -40.75 -13.09 7.96
N ALA A 268 -39.98 -12.55 7.02
CA ALA A 268 -40.53 -12.07 5.75
C ALA A 268 -40.76 -13.18 4.73
N MET A 269 -39.97 -14.23 4.83
CA MET A 269 -39.92 -15.30 3.85
C MET A 269 -41.08 -16.28 3.93
N PRO A 270 -41.59 -16.72 2.77
CA PRO A 270 -42.61 -17.77 2.82
C PRO A 270 -42.00 -19.17 3.02
N ALA A 271 -42.83 -20.19 3.32
CA ALA A 271 -42.30 -21.49 3.71
C ALA A 271 -41.50 -22.24 2.64
N HIS A 272 -41.86 -22.00 1.38
CA HIS A 272 -41.15 -22.56 0.24
C HIS A 272 -39.94 -21.70 -0.17
N GLY A 273 -39.68 -20.61 0.55
CA GLY A 273 -38.60 -19.72 0.17
C GLY A 273 -37.23 -20.33 0.30
N LYS A 274 -36.29 -19.78 -0.45
CA LYS A 274 -34.86 -20.11 -0.25
C LYS A 274 -34.10 -18.87 0.13
N LEU A 275 -33.04 -19.08 0.92
CA LEU A 275 -32.09 -18.08 1.28
C LEU A 275 -30.77 -18.41 0.59
N LEU A 276 -30.20 -17.45 -0.12
CA LEU A 276 -28.90 -17.63 -0.76
C LEU A 276 -27.94 -16.60 -0.26
N ILE A 277 -26.86 -17.05 0.32
CA ILE A 277 -25.81 -16.16 0.77
C ILE A 277 -24.67 -16.28 -0.21
N VAL A 278 -24.27 -15.17 -0.84
CA VAL A 278 -23.21 -15.21 -1.86
C VAL A 278 -22.02 -14.49 -1.26
N GLU A 279 -20.94 -15.21 -0.99
CA GLU A 279 -19.81 -14.62 -0.26
C GLU A 279 -18.53 -15.36 -0.53
N LEU A 280 -17.44 -14.76 -0.07
CA LEU A 280 -16.11 -15.30 -0.21
C LEU A 280 -15.89 -16.22 0.97
N VAL A 281 -16.52 -17.38 0.93
CA VAL A 281 -16.43 -18.33 2.03
C VAL A 281 -15.02 -18.81 2.18
N LEU A 282 -14.51 -18.77 3.41
CA LEU A 282 -13.09 -19.05 3.61
C LEU A 282 -12.76 -20.54 3.60
N PRO A 283 -11.76 -20.90 2.78
CA PRO A 283 -11.22 -22.24 2.75
C PRO A 283 -10.16 -22.45 3.84
N GLU A 284 -9.81 -23.71 4.06
CA GLU A 284 -8.94 -24.08 5.19
C GLU A 284 -7.42 -24.01 4.94
N GLY A 285 -6.99 -24.23 3.71
CA GLY A 285 -5.55 -24.23 3.38
C GLY A 285 -4.86 -22.88 3.28
N GLU A 286 -3.63 -22.87 2.73
CA GLU A 286 -2.78 -21.66 2.70
C GLU A 286 -2.67 -21.07 1.30
N GLU A 287 -3.54 -21.53 0.40
CA GLU A 287 -3.49 -21.01 -0.97
C GLU A 287 -3.89 -19.53 -1.01
N PRO A 288 -3.38 -18.79 -1.96
CA PRO A 288 -3.84 -17.41 -2.16
C PRO A 288 -5.35 -17.38 -2.36
N PHE A 289 -6.01 -16.37 -1.81
CA PHE A 289 -7.47 -16.27 -1.86
C PHE A 289 -7.82 -14.84 -1.51
N PHE A 290 -8.48 -14.14 -2.45
CA PHE A 290 -8.81 -12.74 -2.25
C PHE A 290 -9.59 -12.54 -0.96
N GLY A 291 -10.44 -13.48 -0.60
CA GLY A 291 -11.22 -13.39 0.60
C GLY A 291 -10.40 -13.30 1.87
N LYS A 292 -9.17 -13.83 1.86
CA LYS A 292 -8.31 -13.66 3.02
C LYS A 292 -7.96 -12.19 3.25
N TRP A 293 -7.74 -11.48 2.14
CA TRP A 293 -7.39 -10.03 2.23
C TRP A 293 -8.67 -9.23 2.52
N LEU A 294 -9.77 -9.56 1.84
CA LEU A 294 -11.00 -8.82 2.04
C LEU A 294 -11.42 -8.99 3.49
N ASP A 295 -11.14 -10.14 4.13
CA ASP A 295 -11.52 -10.37 5.53
C ASP A 295 -10.85 -9.32 6.43
N LEU A 296 -9.60 -8.96 6.15
CA LEU A 296 -8.94 -7.91 6.91
C LEU A 296 -9.54 -6.52 6.65
N HIS A 297 -9.93 -6.30 5.41
CA HIS A 297 -10.59 -5.07 5.03
C HIS A 297 -11.89 -4.92 5.79
N MET A 298 -12.62 -6.03 5.94
CA MET A 298 -13.88 -6.02 6.69
C MET A 298 -13.66 -5.76 8.18
N LEU A 299 -12.58 -6.27 8.72
CA LEU A 299 -12.17 -5.94 10.09
C LEU A 299 -12.00 -4.42 10.23
N VAL A 300 -11.13 -3.86 9.38
CA VAL A 300 -10.71 -2.45 9.46
C VAL A 300 -11.88 -1.48 9.32
N LEU A 301 -12.77 -1.78 8.36
CA LEU A 301 -13.87 -0.86 8.07
C LEU A 301 -15.07 -1.01 8.95
N LEU A 302 -15.40 -2.27 9.24
CA LEU A 302 -16.70 -2.68 9.74
C LEU A 302 -16.66 -3.54 11.00
N GLY A 303 -15.46 -3.94 11.46
CA GLY A 303 -15.39 -4.82 12.62
C GLY A 303 -16.03 -6.15 12.34
N ALA A 304 -15.95 -6.58 11.07
CA ALA A 304 -16.60 -7.79 10.61
C ALA A 304 -15.59 -8.77 10.02
N GLN A 305 -16.01 -9.68 9.15
CA GLN A 305 -15.19 -10.83 8.79
C GLN A 305 -15.81 -11.60 7.65
N GLU A 306 -14.97 -12.29 6.90
CA GLU A 306 -15.44 -13.40 6.11
C GLU A 306 -15.60 -14.61 7.04
N ARG A 307 -16.43 -15.56 6.61
CA ARG A 307 -16.79 -16.70 7.40
C ARG A 307 -16.57 -18.05 6.71
N THR A 308 -16.44 -19.08 7.54
CA THR A 308 -16.54 -20.48 7.08
C THR A 308 -17.97 -21.00 7.04
N ALA A 309 -18.16 -22.13 6.36
CA ALA A 309 -19.46 -22.77 6.33
C ALA A 309 -19.95 -23.08 7.73
N ASP A 310 -19.06 -23.54 8.60
CA ASP A 310 -19.47 -23.85 9.97
C ASP A 310 -19.96 -22.60 10.69
N GLU A 311 -19.28 -21.46 10.44
CA GLU A 311 -19.77 -20.21 10.99
C GLU A 311 -21.14 -19.80 10.48
N PHE A 312 -21.39 -19.98 9.20
CA PHE A 312 -22.75 -19.77 8.71
C PHE A 312 -23.81 -20.69 9.37
N LYS A 313 -23.47 -21.95 9.65
CA LYS A 313 -24.40 -22.86 10.33
C LYS A 313 -24.83 -22.32 11.69
N THR A 314 -23.85 -21.73 12.39
CA THR A 314 -24.14 -21.13 13.69
C THR A 314 -25.17 -20.00 13.58
N LEU A 315 -24.97 -19.11 12.62
CA LEU A 315 -25.88 -18.02 12.40
C LEU A 315 -27.25 -18.52 12.01
N PHE A 316 -27.29 -19.57 11.19
CA PHE A 316 -28.56 -20.10 10.72
C PHE A 316 -29.35 -20.71 11.90
N ALA A 317 -28.66 -21.42 12.79
CA ALA A 317 -29.34 -22.01 13.96
C ALA A 317 -29.96 -20.92 14.80
N ALA A 318 -29.32 -19.77 14.86
CA ALA A 318 -29.80 -18.67 15.66
C ALA A 318 -30.93 -17.87 15.00
N SER A 319 -31.24 -18.20 13.74
CA SER A 319 -32.18 -17.39 12.94
C SER A 319 -33.23 -18.16 12.19
N GLY A 320 -33.35 -19.47 12.45
CA GLY A 320 -34.45 -20.23 11.92
C GLY A 320 -34.19 -20.78 10.53
N PHE A 321 -32.91 -21.04 10.21
CA PHE A 321 -32.56 -21.59 8.91
C PHE A 321 -31.69 -22.85 9.09
N ALA A 322 -31.70 -23.71 8.09
CA ALA A 322 -30.80 -24.84 7.99
C ALA A 322 -30.00 -24.79 6.69
N LEU A 323 -28.68 -24.98 6.77
CA LEU A 323 -27.86 -25.10 5.57
C LEU A 323 -28.31 -26.28 4.74
N GLU A 324 -28.42 -26.08 3.44
CA GLU A 324 -28.73 -27.16 2.52
C GLU A 324 -27.45 -27.58 1.81
N ARG A 325 -26.73 -26.62 1.20
CA ARG A 325 -25.55 -26.93 0.38
C ARG A 325 -24.66 -25.69 0.31
N VAL A 326 -23.37 -25.89 0.09
CA VAL A 326 -22.46 -24.82 -0.30
C VAL A 326 -22.01 -25.11 -1.73
N LEU A 327 -22.38 -24.25 -2.67
CA LEU A 327 -22.05 -24.47 -4.06
C LEU A 327 -20.87 -23.61 -4.50
N PRO A 328 -19.88 -24.22 -5.16
CA PRO A 328 -18.73 -23.46 -5.64
C PRO A 328 -19.09 -22.73 -6.92
N THR A 329 -18.28 -21.74 -7.27
CA THR A 329 -18.42 -20.98 -8.52
C THR A 329 -17.05 -20.79 -9.14
N ALA A 330 -17.04 -20.40 -10.41
CA ALA A 330 -15.79 -20.16 -11.13
C ALA A 330 -15.01 -18.95 -10.62
N SER A 331 -15.60 -18.16 -9.73
CA SER A 331 -14.91 -17.05 -9.06
C SER A 331 -14.49 -17.49 -7.65
N GLY A 332 -13.99 -16.54 -6.86
CA GLY A 332 -13.76 -16.85 -5.44
C GLY A 332 -15.04 -17.09 -4.63
N LEU A 333 -16.19 -16.74 -5.20
CA LEU A 333 -17.42 -16.77 -4.39
C LEU A 333 -17.96 -18.19 -4.28
N SER A 334 -18.70 -18.41 -3.22
CA SER A 334 -19.55 -19.61 -3.03
C SER A 334 -20.97 -19.16 -2.77
N ILE A 335 -21.92 -20.05 -3.03
CA ILE A 335 -23.31 -19.80 -2.74
C ILE A 335 -23.69 -20.71 -1.57
N VAL A 336 -24.06 -20.14 -0.44
CA VAL A 336 -24.53 -20.91 0.69
C VAL A 336 -26.06 -20.93 0.61
N GLU A 337 -26.64 -22.10 0.37
CA GLU A 337 -28.08 -22.23 0.17
C GLU A 337 -28.67 -22.72 1.44
N ALA A 338 -29.72 -22.06 1.91
CA ALA A 338 -30.35 -22.44 3.14
C ALA A 338 -31.86 -22.42 3.02
N ARG A 339 -32.52 -23.12 3.93
CA ARG A 339 -33.96 -23.25 3.89
C ARG A 339 -34.54 -22.86 5.23
N PRO A 340 -35.74 -22.27 5.22
CA PRO A 340 -36.39 -21.92 6.47
C PRO A 340 -36.84 -23.13 7.27
N ILE A 341 -36.55 -23.13 8.57
CA ILE A 341 -37.07 -24.16 9.48
C ILE A 341 -37.82 -23.55 10.68
N VAL B 10 -5.08 -14.76 -15.98
CA VAL B 10 -5.38 -13.72 -14.95
C VAL B 10 -5.81 -12.41 -15.63
N PRO B 11 -7.11 -12.04 -15.49
CA PRO B 11 -7.64 -10.88 -16.18
C PRO B 11 -6.94 -9.59 -15.77
N LEU B 12 -6.92 -8.62 -16.66
CA LEU B 12 -6.25 -7.35 -16.38
C LEU B 12 -6.84 -6.70 -15.13
N SER B 13 -8.14 -6.85 -14.94
CA SER B 13 -8.83 -6.29 -13.77
C SER B 13 -8.27 -6.86 -12.48
N SER B 14 -7.84 -8.12 -12.47
CA SER B 14 -7.23 -8.68 -11.24
C SER B 14 -5.82 -8.17 -11.04
N ILE B 15 -5.06 -7.98 -12.12
CA ILE B 15 -3.78 -7.36 -12.03
C ILE B 15 -3.87 -5.91 -11.42
N LEU B 16 -4.82 -5.12 -11.94
CA LEU B 16 -5.00 -3.77 -11.46
C LEU B 16 -5.51 -3.78 -10.02
N LEU B 17 -6.40 -4.67 -9.67
CA LEU B 17 -6.89 -4.69 -8.30
C LEU B 17 -5.78 -5.00 -7.33
N GLN B 18 -4.87 -5.90 -7.67
CA GLN B 18 -3.76 -6.22 -6.81
C GLN B 18 -2.85 -5.01 -6.62
N MET B 19 -2.72 -4.22 -7.67
CA MET B 19 -1.90 -3.01 -7.55
C MET B 19 -2.57 -1.96 -6.62
N ILE B 20 -3.86 -1.76 -6.84
CA ILE B 20 -4.62 -0.77 -6.06
C ILE B 20 -4.63 -1.10 -4.56
N THR B 21 -4.60 -2.39 -4.25
CA THR B 21 -4.67 -2.86 -2.85
C THR B 21 -3.30 -3.09 -2.22
N GLY B 22 -2.27 -2.52 -2.80
CA GLY B 22 -0.95 -2.65 -2.21
C GLY B 22 -0.83 -2.17 -0.79
N TYR B 23 -1.58 -1.13 -0.44
CA TYR B 23 -1.59 -0.63 0.92
C TYR B 23 -1.96 -1.71 1.96
N TRP B 24 -2.79 -2.70 1.58
CA TRP B 24 -3.10 -3.78 2.48
C TRP B 24 -1.89 -4.57 2.88
N VAL B 25 -0.97 -4.75 1.92
CA VAL B 25 0.20 -5.57 2.16
C VAL B 25 1.15 -4.82 3.11
N THR B 26 1.33 -3.54 2.82
CA THR B 26 2.18 -2.69 3.67
C THR B 26 1.72 -2.82 5.12
N GLN B 27 0.42 -2.65 5.35
CA GLN B 27 -0.07 -2.60 6.74
C GLN B 27 -0.12 -3.94 7.39
N SER B 28 -0.41 -4.97 6.62
CA SER B 28 -0.44 -6.31 7.23
C SER B 28 0.96 -6.75 7.65
N LEU B 29 1.97 -6.43 6.82
CA LEU B 29 3.36 -6.71 7.21
C LEU B 29 3.79 -5.84 8.37
N TYR B 30 3.35 -4.57 8.39
CA TYR B 30 3.60 -3.69 9.53
C TYR B 30 3.14 -4.31 10.84
N VAL B 31 1.93 -4.81 10.85
CA VAL B 31 1.41 -5.47 12.04
C VAL B 31 2.33 -6.58 12.53
N ALA B 32 2.71 -7.47 11.63
CA ALA B 32 3.57 -8.57 12.02
C ALA B 32 4.93 -8.08 12.53
N ALA B 33 5.49 -7.08 11.84
CA ALA B 33 6.80 -6.53 12.20
C ALA B 33 6.76 -5.82 13.53
N LYS B 34 5.78 -4.96 13.70
CA LYS B 34 5.68 -4.18 14.92
C LYS B 34 5.46 -5.06 16.14
N LEU B 35 4.62 -6.10 16.02
CA LEU B 35 4.38 -7.02 17.12
C LEU B 35 5.57 -7.94 17.39
N GLY B 36 6.49 -8.11 16.43
CA GLY B 36 7.66 -8.93 16.66
C GLY B 36 7.45 -10.43 16.56
N ILE B 37 6.47 -10.82 15.76
CA ILE B 37 6.19 -12.24 15.57
C ILE B 37 7.40 -13.04 15.17
N ALA B 38 8.21 -12.53 14.25
CA ALA B 38 9.33 -13.32 13.71
C ALA B 38 10.30 -13.74 14.77
N ASP B 39 10.55 -12.83 15.71
CA ASP B 39 11.45 -13.17 16.81
C ASP B 39 10.92 -14.32 17.64
N LEU B 40 9.61 -14.38 17.82
CA LEU B 40 9.00 -15.43 18.63
C LEU B 40 8.98 -16.82 17.99
N VAL B 41 9.05 -16.87 16.66
CA VAL B 41 9.01 -18.14 15.93
C VAL B 41 10.39 -18.47 15.32
N ALA B 42 11.43 -17.74 15.67
CA ALA B 42 12.74 -18.00 15.09
C ALA B 42 13.30 -19.39 15.42
N ASP B 43 12.88 -19.98 16.55
CA ASP B 43 13.40 -21.25 17.00
C ASP B 43 12.53 -22.43 16.59
N ALA B 44 11.21 -22.23 16.54
CA ALA B 44 10.23 -23.27 16.24
C ALA B 44 8.87 -22.61 16.10
N PRO B 45 7.93 -23.29 15.43
CA PRO B 45 6.60 -22.72 15.29
C PRO B 45 5.89 -22.63 16.62
N LYS B 46 4.95 -21.69 16.71
CA LYS B 46 4.25 -21.44 17.99
C LYS B 46 2.75 -21.36 17.79
N PRO B 47 2.00 -21.82 18.78
CA PRO B 47 0.55 -21.65 18.71
C PRO B 47 0.13 -20.19 18.80
N ILE B 48 -0.95 -19.89 18.10
CA ILE B 48 -1.47 -18.56 18.03
C ILE B 48 -1.78 -17.93 19.37
N GLU B 49 -2.26 -18.71 20.33
CA GLU B 49 -2.61 -18.14 21.61
C GLU B 49 -1.35 -17.62 22.34
N GLU B 50 -0.24 -18.32 22.16
CA GLU B 50 1.03 -17.89 22.75
C GLU B 50 1.55 -16.64 22.05
N LEU B 51 1.47 -16.62 20.73
CA LEU B 51 1.88 -15.43 20.03
C LEU B 51 1.06 -14.21 20.42
N ALA B 52 -0.22 -14.40 20.61
CA ALA B 52 -1.08 -13.26 20.94
C ALA B 52 -0.78 -12.76 22.33
N ALA B 53 -0.61 -13.69 23.24
CA ALA B 53 -0.34 -13.35 24.64
C ALA B 53 0.97 -12.60 24.78
N LYS B 54 2.01 -13.02 24.04
CA LYS B 54 3.29 -12.39 24.16
C LYS B 54 3.39 -11.06 23.46
N THR B 55 2.48 -10.79 22.51
CA THR B 55 2.54 -9.53 21.77
C THR B 55 1.42 -8.57 22.10
N GLY B 56 0.48 -8.97 22.93
CA GLY B 56 -0.62 -8.09 23.31
C GLY B 56 -1.63 -7.92 22.20
N ALA B 57 -1.88 -8.99 21.47
CA ALA B 57 -2.87 -8.92 20.41
C ALA B 57 -4.04 -9.83 20.69
N LYS B 58 -5.17 -9.52 20.10
CA LYS B 58 -6.31 -10.40 20.11
C LYS B 58 -6.04 -11.62 19.26
N ALA B 59 -6.15 -12.82 19.83
CA ALA B 59 -5.70 -13.99 19.11
C ALA B 59 -6.46 -14.24 17.81
N PRO B 60 -7.81 -14.09 17.82
CA PRO B 60 -8.48 -14.36 16.55
C PRO B 60 -8.11 -13.37 15.44
N LEU B 61 -7.81 -12.13 15.81
CA LEU B 61 -7.44 -11.11 14.85
C LEU B 61 -6.01 -11.27 14.34
N LEU B 62 -5.10 -11.61 15.24
CA LEU B 62 -3.76 -11.93 14.83
C LEU B 62 -3.74 -13.15 13.92
N LYS B 63 -4.54 -14.18 14.23
CA LYS B 63 -4.65 -15.37 13.38
C LYS B 63 -5.01 -14.99 11.94
N ARG B 64 -5.97 -14.10 11.82
CA ARG B 64 -6.41 -13.62 10.52
C ARG B 64 -5.32 -12.89 9.76
N VAL B 65 -4.58 -12.01 10.43
CA VAL B 65 -3.46 -11.34 9.78
C VAL B 65 -2.39 -12.35 9.34
N LEU B 66 -2.00 -13.25 10.25
CA LEU B 66 -0.95 -14.23 9.91
C LEU B 66 -1.34 -15.20 8.79
N ARG B 67 -2.60 -15.67 8.81
N ARG B 67 -2.57 -15.70 8.77
CA ARG B 67 -3.10 -16.53 7.73
CA ARG B 67 -2.92 -16.58 7.66
C ARG B 67 -2.98 -15.81 6.39
C ARG B 67 -2.98 -15.81 6.35
N THR B 68 -3.32 -14.52 6.39
CA THR B 68 -3.34 -13.75 5.18
C THR B 68 -1.92 -13.52 4.62
N ILE B 69 -0.97 -13.10 5.45
CA ILE B 69 0.36 -12.92 4.92
C ILE B 69 1.12 -14.24 4.64
N ALA B 70 0.70 -15.28 5.37
CA ALA B 70 1.25 -16.60 5.11
C ALA B 70 0.91 -17.04 3.70
N SER B 71 -0.25 -16.60 3.22
CA SER B 71 -0.63 -16.92 1.84
C SER B 71 0.22 -16.27 0.77
N ILE B 72 1.08 -15.28 1.11
CA ILE B 72 2.05 -14.71 0.19
C ILE B 72 3.48 -15.02 0.66
N GLY B 73 3.59 -15.98 1.57
CA GLY B 73 4.93 -16.52 1.86
C GLY B 73 5.62 -15.96 3.07
N VAL B 74 4.88 -15.16 3.85
CA VAL B 74 5.45 -14.53 5.04
C VAL B 74 4.82 -15.21 6.22
N PHE B 75 5.62 -16.01 6.94
CA PHE B 75 5.15 -16.99 7.92
C PHE B 75 4.41 -18.11 7.21
N THR B 76 4.21 -19.20 7.94
CA THR B 76 3.47 -20.34 7.44
C THR B 76 2.70 -21.00 8.54
N GLU B 77 1.52 -21.52 8.23
CA GLU B 77 0.69 -22.23 9.21
C GLU B 77 1.12 -23.70 9.12
N THR B 78 1.99 -24.12 10.01
CA THR B 78 2.60 -25.44 9.92
C THR B 78 1.64 -26.52 10.30
N GLU B 79 0.75 -26.19 11.23
CA GLU B 79 -0.42 -27.03 11.57
C GLU B 79 -1.54 -26.05 11.95
N PRO B 80 -2.78 -26.49 11.96
CA PRO B 80 -3.84 -25.51 12.20
C PRO B 80 -3.59 -24.71 13.50
N GLY B 81 -3.56 -23.38 13.39
CA GLY B 81 -3.39 -22.53 14.57
C GLY B 81 -1.94 -22.43 15.06
N ILE B 82 -0.98 -22.93 14.30
CA ILE B 82 0.42 -22.93 14.73
C ILE B 82 1.21 -22.31 13.59
N PHE B 83 2.02 -21.31 13.92
CA PHE B 83 2.69 -20.49 12.91
C PHE B 83 4.19 -20.53 13.04
N GLY B 84 4.85 -20.73 11.90
CA GLY B 84 6.30 -20.79 11.81
C GLY B 84 6.91 -19.73 10.92
N ILE B 85 8.22 -19.65 10.97
CA ILE B 85 8.98 -18.71 10.18
C ILE B 85 9.11 -19.24 8.73
N THR B 86 9.36 -18.32 7.78
CA THR B 86 9.71 -18.60 6.39
C THR B 86 10.89 -17.69 6.01
N PRO B 87 11.50 -17.92 4.86
CA PRO B 87 12.57 -17.03 4.42
C PRO B 87 12.20 -15.53 4.43
N LEU B 88 11.05 -15.15 3.91
CA LEU B 88 10.70 -13.74 3.94
C LEU B 88 10.48 -13.25 5.35
N ALA B 89 9.88 -14.06 6.22
CA ALA B 89 9.66 -13.60 7.58
C ALA B 89 10.93 -13.54 8.40
N ALA B 90 11.92 -14.32 8.02
CA ALA B 90 13.22 -14.24 8.70
C ALA B 90 13.84 -12.86 8.61
N LEU B 91 13.55 -12.12 7.52
CA LEU B 91 14.01 -10.74 7.37
C LEU B 91 13.35 -9.76 8.34
N LEU B 92 12.31 -10.17 9.02
CA LEU B 92 11.61 -9.32 10.00
C LEU B 92 12.05 -9.54 11.42
N ARG B 93 13.01 -10.42 11.62
CA ARG B 93 13.64 -10.55 12.97
C ARG B 93 14.38 -9.29 13.36
N SER B 94 14.46 -9.08 14.67
CA SER B 94 15.13 -7.92 15.28
C SER B 94 16.58 -8.20 15.46
N GLY B 95 17.40 -7.22 15.09
CA GLY B 95 18.81 -7.18 15.49
C GLY B 95 19.77 -8.12 14.77
N THR B 96 19.26 -8.83 13.77
CA THR B 96 20.07 -9.64 12.90
C THR B 96 20.78 -8.78 11.87
N PRO B 97 21.86 -9.28 11.27
CA PRO B 97 22.66 -8.45 10.38
C PRO B 97 21.93 -7.91 9.16
N ASP B 98 20.96 -8.66 8.64
CA ASP B 98 20.24 -8.20 7.46
C ASP B 98 18.78 -7.82 7.78
N SER B 99 18.50 -7.51 9.06
CA SER B 99 17.13 -7.18 9.44
C SER B 99 16.50 -6.08 8.63
N MET B 100 15.28 -6.33 8.18
CA MET B 100 14.42 -5.36 7.54
C MET B 100 13.24 -4.97 8.42
N ARG B 101 13.26 -5.40 9.67
CA ARG B 101 12.19 -5.01 10.57
C ARG B 101 12.02 -3.49 10.66
N PRO B 102 13.13 -2.71 10.78
CA PRO B 102 12.96 -1.25 10.85
C PRO B 102 12.30 -0.68 9.63
N GLN B 103 12.57 -1.24 8.46
CA GLN B 103 11.94 -0.78 7.22
C GLN B 103 10.46 -1.06 7.24
N ALA B 104 10.05 -2.25 7.66
CA ALA B 104 8.63 -2.56 7.69
C ALA B 104 7.90 -1.64 8.67
N ILE B 105 8.55 -1.30 9.78
CA ILE B 105 7.99 -0.43 10.80
CA ILE B 105 7.93 -0.44 10.77
C ILE B 105 7.83 0.99 10.26
N MET B 106 8.93 1.53 9.69
CA MET B 106 8.99 2.89 9.15
C MET B 106 7.90 3.13 8.11
N HIS B 107 7.70 2.21 7.19
CA HIS B 107 6.73 2.39 6.11
C HIS B 107 5.29 2.25 6.55
N GLY B 108 5.04 1.75 7.75
CA GLY B 108 3.67 1.69 8.23
C GLY B 108 3.19 2.83 9.13
N GLU B 109 4.08 3.77 9.44
CA GLU B 109 3.85 4.81 10.45
C GLU B 109 3.76 6.19 9.75
N GLU B 110 4.59 7.14 10.14
CA GLU B 110 4.45 8.52 9.64
C GLU B 110 4.53 8.58 8.12
N GLN B 111 5.40 7.77 7.51
CA GLN B 111 5.54 7.79 6.05
C GLN B 111 4.26 7.32 5.36
N TYR B 112 3.61 6.32 5.90
CA TYR B 112 2.29 5.89 5.38
C TYR B 112 1.29 7.02 5.44
N ARG B 113 1.27 7.75 6.55
CA ARG B 113 0.28 8.83 6.70
C ARG B 113 0.57 10.01 5.76
N ALA B 114 1.84 10.33 5.60
CA ALA B 114 2.21 11.40 4.69
C ALA B 114 1.71 11.05 3.30
N TRP B 115 1.88 9.80 2.93
CA TRP B 115 1.53 9.40 1.57
C TRP B 115 0.01 9.46 1.27
N ALA B 116 -0.83 9.54 2.33
CA ALA B 116 -2.26 9.76 2.14
C ALA B 116 -2.54 11.07 1.39
N ASP B 117 -1.61 12.00 1.41
CA ASP B 117 -1.82 13.31 0.79
C ASP B 117 -0.94 13.58 -0.41
N VAL B 118 -0.44 12.53 -1.07
CA VAL B 118 0.39 12.74 -2.25
C VAL B 118 -0.38 13.50 -3.32
N LEU B 119 -1.67 13.26 -3.48
CA LEU B 119 -2.44 14.02 -4.44
C LEU B 119 -2.34 15.53 -4.19
N HIS B 120 -2.62 15.95 -2.97
CA HIS B 120 -2.46 17.40 -2.61
C HIS B 120 -1.08 17.89 -2.98
N ASN B 121 -0.03 17.09 -2.74
CA ASN B 121 1.33 17.47 -3.09
C ASN B 121 1.50 17.68 -4.58
N VAL B 122 0.93 16.80 -5.40
CA VAL B 122 0.99 16.93 -6.86
C VAL B 122 0.22 18.11 -7.37
N GLN B 123 -0.91 18.42 -6.72
CA GLN B 123 -1.75 19.54 -7.13
C GLN B 123 -1.14 20.89 -6.74
N THR B 124 -0.59 21.02 -5.54
CA THR B 124 -0.16 22.31 -5.00
C THR B 124 1.34 22.52 -4.93
N GLY B 125 2.15 21.48 -5.06
CA GLY B 125 3.56 21.54 -4.78
C GLY B 125 3.94 21.51 -3.32
N GLU B 126 2.97 21.46 -2.40
CA GLU B 126 3.27 21.51 -0.95
C GLU B 126 3.66 20.11 -0.51
N THR B 127 4.83 19.97 0.10
CA THR B 127 5.33 18.67 0.53
C THR B 127 4.35 18.00 1.48
N ALA B 128 3.97 16.76 1.16
CA ALA B 128 2.91 16.08 1.88
C ALA B 128 3.23 15.88 3.36
N PHE B 129 4.46 15.44 3.65
CA PHE B 129 4.82 15.25 5.04
C PHE B 129 4.69 16.56 5.84
N GLU B 130 5.13 17.67 5.25
CA GLU B 130 5.11 18.99 5.94
C GLU B 130 3.66 19.44 6.20
N LYS B 131 2.75 19.14 5.27
CA LYS B 131 1.34 19.44 5.48
C LYS B 131 0.75 18.62 6.62
N GLU B 132 1.08 17.34 6.64
CA GLU B 132 0.51 16.40 7.61
C GLU B 132 1.05 16.62 9.02
N PHE B 133 2.34 16.90 9.16
CA PHE B 133 2.99 16.94 10.48
C PHE B 133 3.53 18.33 10.91
N GLY B 134 3.47 19.33 10.02
CA GLY B 134 3.78 20.72 10.40
C GLY B 134 5.24 21.19 10.42
N THR B 135 6.18 20.32 10.07
CA THR B 135 7.55 20.78 9.84
C THR B 135 8.27 19.80 8.93
N SER B 136 9.53 20.12 8.64
CA SER B 136 10.32 19.31 7.76
C SER B 136 10.48 17.91 8.36
N TYR B 137 10.78 16.97 7.48
CA TYR B 137 11.00 15.58 7.85
C TYR B 137 12.10 15.43 8.90
N PHE B 138 13.29 16.00 8.66
CA PHE B 138 14.31 15.81 9.66
C PHE B 138 14.08 16.61 10.90
N GLY B 139 13.38 17.74 10.78
CA GLY B 139 13.01 18.50 11.98
C GLY B 139 12.09 17.69 12.88
N TYR B 140 11.12 17.00 12.27
CA TYR B 140 10.25 16.11 13.00
C TYR B 140 11.03 14.99 13.68
N LEU B 141 11.94 14.33 12.96
CA LEU B 141 12.61 13.21 13.54
C LEU B 141 13.46 13.64 14.72
N ALA B 142 13.99 14.87 14.68
CA ALA B 142 14.86 15.33 15.78
C ALA B 142 14.10 15.54 17.08
N LYS B 143 12.78 15.65 16.99
CA LYS B 143 11.90 15.74 18.17
C LYS B 143 11.37 14.43 18.72
N HIS B 144 11.55 13.34 17.99
CA HIS B 144 10.88 12.08 18.30
C HIS B 144 11.91 10.93 18.24
N PRO B 145 12.65 10.69 19.33
CA PRO B 145 13.77 9.73 19.31
C PRO B 145 13.39 8.33 18.80
N GLU B 146 12.20 7.83 19.11
CA GLU B 146 11.86 6.48 18.65
C GLU B 146 11.70 6.41 17.14
N ALA B 147 11.05 7.40 16.56
CA ALA B 147 10.90 7.47 15.11
C ALA B 147 12.29 7.70 14.48
N ASP B 148 13.11 8.53 15.12
CA ASP B 148 14.48 8.76 14.66
C ASP B 148 15.29 7.47 14.57
N ARG B 149 15.29 6.68 15.64
CA ARG B 149 15.98 5.40 15.67
CA ARG B 149 16.06 5.43 15.61
C ARG B 149 15.52 4.50 14.51
N VAL B 150 14.20 4.40 14.36
CA VAL B 150 13.62 3.56 13.30
C VAL B 150 14.10 4.02 11.93
N PHE B 151 14.03 5.33 11.65
CA PHE B 151 14.53 5.83 10.38
C PHE B 151 16.00 5.50 10.18
N ASN B 152 16.83 5.78 11.18
CA ASN B 152 18.28 5.61 10.99
C ASN B 152 18.63 4.14 10.81
N GLU B 153 17.94 3.27 11.54
CA GLU B 153 18.16 1.81 11.38
C GLU B 153 17.63 1.27 10.06
N ALA B 154 16.51 1.80 9.58
CA ALA B 154 15.99 1.43 8.29
C ALA B 154 16.89 1.84 7.16
N GLN B 155 17.34 3.08 7.25
CA GLN B 155 18.21 3.66 6.24
C GLN B 155 19.53 2.88 6.20
N ALA B 156 20.11 2.64 7.38
CA ALA B 156 21.37 1.87 7.45
C ALA B 156 21.19 0.46 6.96
N GLY B 157 20.03 -0.15 7.16
CA GLY B 157 19.83 -1.51 6.64
C GLY B 157 19.74 -1.57 5.13
N TYR B 158 19.07 -0.58 4.55
CA TYR B 158 19.04 -0.47 3.11
C TYR B 158 20.41 -0.36 2.51
N THR B 159 21.21 0.57 3.02
CA THR B 159 22.55 0.83 2.52
C THR B 159 23.54 -0.30 2.79
N LYS B 160 23.47 -0.94 3.97
CA LYS B 160 24.35 -2.05 4.31
C LYS B 160 24.27 -3.15 3.24
N GLN B 161 23.07 -3.41 2.75
CA GLN B 161 22.86 -4.52 1.87
C GLN B 161 23.51 -4.28 0.49
N VAL B 162 23.64 -3.02 0.09
CA VAL B 162 24.26 -2.69 -1.21
C VAL B 162 25.71 -2.18 -1.11
N ALA B 163 26.21 -2.00 0.10
CA ALA B 163 27.54 -1.38 0.28
C ALA B 163 28.65 -2.15 -0.42
N HIS B 164 28.59 -3.47 -0.36
CA HIS B 164 29.62 -4.28 -0.99
C HIS B 164 29.70 -3.98 -2.48
N ALA B 165 28.55 -3.76 -3.12
CA ALA B 165 28.53 -3.53 -4.55
C ALA B 165 29.15 -2.19 -4.91
N VAL B 166 28.93 -1.19 -4.05
CA VAL B 166 29.62 0.11 -4.19
C VAL B 166 31.15 -0.04 -4.05
N VAL B 167 31.61 -0.80 -3.07
CA VAL B 167 33.03 -1.00 -2.83
C VAL B 167 33.71 -1.79 -3.96
N ASP B 168 33.04 -2.81 -4.49
CA ASP B 168 33.56 -3.55 -5.63
C ASP B 168 33.65 -2.73 -6.94
N ALA B 169 32.98 -1.57 -6.99
CA ALA B 169 32.83 -0.81 -8.23
C ALA B 169 33.76 0.41 -8.34
N TYR B 170 34.46 0.76 -7.26
CA TYR B 170 35.37 1.91 -7.28
C TYR B 170 36.70 1.61 -6.57
N ASP B 171 37.80 2.13 -7.12
CA ASP B 171 39.11 1.99 -6.47
C ASP B 171 39.27 3.05 -5.37
N PHE B 172 39.23 2.63 -4.12
CA PHE B 172 39.36 3.57 -2.98
C PHE B 172 40.81 3.74 -2.50
N SER B 173 41.73 3.01 -3.11
CA SER B 173 43.13 3.04 -2.70
C SER B 173 43.72 4.43 -2.49
N PRO B 174 43.49 5.36 -3.44
CA PRO B 174 44.14 6.67 -3.34
C PRO B 174 43.86 7.46 -2.05
N PHE B 175 42.76 7.17 -1.37
CA PHE B 175 42.27 8.04 -0.31
C PHE B 175 42.66 7.54 1.08
N LYS B 176 43.36 8.38 1.84
CA LYS B 176 43.70 8.04 3.23
C LYS B 176 42.72 8.62 4.25
N THR B 177 42.02 9.70 3.88
CA THR B 177 40.96 10.25 4.74
C THR B 177 39.66 10.28 3.95
N VAL B 178 38.63 9.58 4.47
CA VAL B 178 37.36 9.42 3.78
C VAL B 178 36.30 10.13 4.62
N ILE B 179 35.68 11.17 4.05
CA ILE B 179 34.68 11.99 4.76
C ILE B 179 33.33 11.66 4.16
N ASP B 180 32.47 11.08 5.01
CA ASP B 180 31.13 10.73 4.64
C ASP B 180 30.18 11.79 5.22
N ILE B 181 29.57 12.53 4.31
CA ILE B 181 28.72 13.67 4.66
C ILE B 181 27.24 13.22 4.71
N GLY B 182 26.65 13.34 5.90
CA GLY B 182 25.28 12.84 6.13
C GLY B 182 25.29 11.31 6.16
N ALA B 183 26.27 10.79 6.88
CA ALA B 183 26.57 9.37 6.88
C ALA B 183 25.53 8.47 7.55
N GLY B 184 24.66 9.07 8.37
CA GLY B 184 23.76 8.27 9.17
C GLY B 184 24.57 7.42 10.11
N TYR B 185 24.20 6.15 10.20
CA TYR B 185 24.93 5.23 11.08
C TYR B 185 26.17 4.66 10.36
N GLY B 186 26.35 4.99 9.11
CA GLY B 186 27.60 4.74 8.40
C GLY B 186 27.96 3.39 7.82
N PRO B 187 26.97 2.55 7.43
CA PRO B 187 27.34 1.24 6.89
C PRO B 187 28.29 1.29 5.65
N LEU B 188 28.07 2.25 4.76
CA LEU B 188 28.93 2.33 3.58
C LEU B 188 30.35 2.77 3.96
N LEU B 189 30.48 3.76 4.85
CA LEU B 189 31.78 4.19 5.36
C LEU B 189 32.48 2.99 6.02
N SER B 190 31.76 2.21 6.83
CA SER B 190 32.36 1.07 7.51
C SER B 190 32.90 0.06 6.54
N ALA B 191 32.13 -0.18 5.47
CA ALA B 191 32.55 -1.11 4.41
C ALA B 191 33.81 -0.61 3.68
N ILE B 192 33.88 0.70 3.42
CA ILE B 192 35.05 1.30 2.80
C ILE B 192 36.27 1.12 3.71
N LEU B 193 36.14 1.50 4.98
CA LEU B 193 37.25 1.32 5.91
C LEU B 193 37.67 -0.15 6.06
N ARG B 194 36.71 -1.08 6.08
CA ARG B 194 37.03 -2.51 6.25
C ARG B 194 37.90 -2.96 5.09
N SER B 195 37.67 -2.36 3.92
CA SER B 195 38.35 -2.81 2.70
C SER B 195 39.67 -2.09 2.43
N GLN B 196 39.94 -1.04 3.19
CA GLN B 196 41.09 -0.18 2.96
C GLN B 196 41.78 0.07 4.31
N PRO B 197 42.65 -0.88 4.71
CA PRO B 197 43.15 -0.81 6.10
C PRO B 197 44.04 0.39 6.45
N GLU B 198 44.51 1.11 5.43
CA GLU B 198 45.32 2.33 5.61
C GLU B 198 44.45 3.59 5.81
N ALA B 199 43.18 3.50 5.44
CA ALA B 199 42.27 4.66 5.53
C ALA B 199 41.76 5.01 6.93
N ARG B 200 41.45 6.29 7.12
CA ARG B 200 40.73 6.73 8.30
C ARG B 200 39.46 7.38 7.79
N GLY B 201 38.41 7.35 8.61
CA GLY B 201 37.16 7.94 8.20
C GLY B 201 36.64 8.98 9.16
N ILE B 202 35.81 9.86 8.61
CA ILE B 202 35.07 10.81 9.41
C ILE B 202 33.61 10.64 9.04
N LEU B 203 32.81 10.33 10.05
CA LEU B 203 31.36 10.14 9.90
C LEU B 203 30.75 11.44 10.35
N PHE B 204 30.21 12.17 9.38
CA PHE B 204 29.60 13.48 9.62
C PHE B 204 28.05 13.39 9.53
N ASP B 205 27.40 13.87 10.57
CA ASP B 205 25.97 13.99 10.56
C ASP B 205 25.52 15.01 11.60
N GLN B 206 24.21 15.14 11.78
CA GLN B 206 23.65 15.95 12.84
C GLN B 206 24.20 15.45 14.15
N PRO B 207 24.38 16.36 15.14
CA PRO B 207 24.95 15.90 16.42
C PRO B 207 24.33 14.67 17.07
N HIS B 208 23.01 14.58 17.13
CA HIS B 208 22.36 13.43 17.77
C HIS B 208 22.58 12.13 17.00
N VAL B 209 22.66 12.22 15.69
CA VAL B 209 22.86 11.05 14.85
C VAL B 209 24.31 10.61 14.91
N ALA B 210 25.23 11.57 14.80
CA ALA B 210 26.66 11.26 14.90
C ALA B 210 27.06 10.68 16.26
N GLN B 211 26.46 11.17 17.34
CA GLN B 211 26.69 10.58 18.67
C GLN B 211 26.24 9.11 18.74
N ALA B 212 25.01 8.83 18.29
CA ALA B 212 24.51 7.45 18.29
C ALA B 212 25.33 6.54 17.35
N ALA B 213 25.79 7.08 16.22
CA ALA B 213 26.57 6.29 15.25
C ALA B 213 27.88 5.84 15.87
N GLY B 214 28.49 6.75 16.64
CA GLY B 214 29.77 6.50 17.29
C GLY B 214 29.67 5.36 18.28
N LYS B 215 28.59 5.36 19.05
CA LYS B 215 28.36 4.32 20.03
C LYS B 215 28.13 2.99 19.32
N ARG B 216 27.45 3.03 18.19
CA ARG B 216 27.18 1.80 17.43
C ARG B 216 28.47 1.20 16.91
N LEU B 217 29.35 2.05 16.40
CA LEU B 217 30.68 1.64 15.93
C LEU B 217 31.52 0.99 17.06
N ALA B 218 31.49 1.59 18.24
CA ALA B 218 32.29 1.09 19.37
C ALA B 218 31.76 -0.26 19.82
N GLU B 219 30.43 -0.34 19.99
CA GLU B 219 29.73 -1.58 20.26
C GLU B 219 30.20 -2.70 19.32
N ALA B 220 30.10 -2.45 18.00
CA ALA B 220 30.49 -3.45 16.98
C ALA B 220 32.01 -3.63 16.85
N GLY B 221 32.77 -2.76 17.52
CA GLY B 221 34.24 -2.89 17.58
C GLY B 221 34.89 -2.56 16.25
N VAL B 222 34.34 -1.58 15.55
CA VAL B 222 34.77 -1.26 14.19
C VAL B 222 35.04 0.25 14.04
N GLY B 223 35.26 0.93 15.16
CA GLY B 223 35.46 2.39 15.17
C GLY B 223 36.88 2.85 15.41
N ASP B 224 37.85 1.94 15.31
CA ASP B 224 39.27 2.26 15.53
C ASP B 224 39.80 3.39 14.63
N ARG B 225 39.47 3.32 13.33
CA ARG B 225 39.91 4.32 12.38
C ARG B 225 38.77 5.19 11.89
N CYS B 226 37.70 5.28 12.67
CA CYS B 226 36.58 6.14 12.30
C CYS B 226 36.26 7.11 13.43
N GLY B 227 36.20 8.39 13.12
CA GLY B 227 35.80 9.37 14.11
C GLY B 227 34.46 9.90 13.67
N THR B 228 33.73 10.47 14.62
CA THR B 228 32.45 11.09 14.33
C THR B 228 32.52 12.59 14.55
N VAL B 229 31.83 13.34 13.71
CA VAL B 229 31.68 14.76 13.86
C VAL B 229 30.21 15.09 13.68
N GLY B 230 29.69 15.79 14.67
CA GLY B 230 28.33 16.32 14.62
C GLY B 230 28.31 17.75 14.12
N GLY B 231 27.48 18.01 13.13
CA GLY B 231 27.44 19.35 12.57
C GLY B 231 26.21 19.58 11.72
N ASP B 232 26.34 20.56 10.82
CA ASP B 232 25.28 20.99 9.92
C ASP B 232 25.87 21.27 8.56
N PHE B 233 25.58 20.43 7.56
CA PHE B 233 26.17 20.63 6.24
C PHE B 233 25.68 21.85 5.47
N PHE B 234 24.67 22.56 5.96
CA PHE B 234 24.32 23.84 5.41
C PHE B 234 25.24 24.96 5.89
N VAL B 235 26.03 24.71 6.93
CA VAL B 235 26.97 25.72 7.47
C VAL B 235 28.39 25.42 7.00
N GLU B 236 28.90 24.24 7.35
CA GLU B 236 30.27 23.85 6.98
C GLU B 236 30.40 22.33 7.07
N VAL B 237 31.37 21.76 6.37
CA VAL B 237 31.69 20.34 6.58
C VAL B 237 33.19 20.24 6.89
N PRO B 238 33.63 19.10 7.43
CA PRO B 238 35.06 18.94 7.78
C PRO B 238 36.03 19.10 6.62
N ALA B 239 37.15 19.76 6.90
CA ALA B 239 38.14 20.10 5.88
C ALA B 239 39.18 18.99 5.72
N ASP B 240 39.84 19.02 4.56
CA ASP B 240 41.08 18.26 4.31
C ASP B 240 40.89 16.78 3.99
N GLY B 241 39.68 16.37 3.71
CA GLY B 241 39.47 15.00 3.25
C GLY B 241 40.00 14.72 1.85
N ASP B 242 40.43 13.49 1.61
CA ASP B 242 40.83 13.06 0.29
C ASP B 242 39.64 12.67 -0.60
N VAL B 243 38.53 12.23 0.00
CA VAL B 243 37.33 11.93 -0.78
C VAL B 243 36.15 12.29 0.11
N TYR B 244 35.15 12.90 -0.51
CA TYR B 244 33.92 13.29 0.18
C TYR B 244 32.83 12.46 -0.47
N ILE B 245 32.12 11.69 0.36
CA ILE B 245 31.09 10.75 -0.07
C ILE B 245 29.72 11.28 0.38
N LEU B 246 28.87 11.50 -0.62
CA LEU B 246 27.44 11.84 -0.43
C LEU B 246 26.63 10.64 -0.89
N SER B 247 26.28 9.81 0.07
CA SER B 247 25.56 8.57 -0.23
C SER B 247 24.08 8.70 0.11
N LEU B 248 23.20 8.56 -0.87
CA LEU B 248 21.74 8.63 -0.61
C LEU B 248 21.42 9.86 0.18
N LEU B 249 22.03 10.96 -0.25
CA LEU B 249 21.96 12.21 0.50
C LEU B 249 21.31 13.33 -0.33
N LEU B 250 21.78 13.57 -1.56
CA LEU B 250 21.27 14.71 -2.30
C LEU B 250 19.82 14.49 -2.70
N HIS B 251 19.38 13.23 -2.83
CA HIS B 251 17.98 13.00 -3.22
C HIS B 251 17.02 13.46 -2.11
N ASP B 252 17.55 13.80 -0.93
CA ASP B 252 16.77 14.39 0.17
C ASP B 252 16.49 15.88 0.05
N TRP B 253 17.07 16.51 -0.97
CA TRP B 253 17.14 17.98 -1.06
C TRP B 253 16.79 18.46 -2.46
N ASP B 254 16.09 19.59 -2.52
CA ASP B 254 15.80 20.21 -3.79
C ASP B 254 17.09 20.83 -4.37
N ASP B 255 17.00 21.41 -5.55
CA ASP B 255 18.19 21.88 -6.23
C ASP B 255 18.91 22.98 -5.44
N GLN B 256 18.13 23.90 -4.88
CA GLN B 256 18.68 25.02 -4.14
C GLN B 256 19.48 24.47 -2.97
N ARG B 257 18.88 23.58 -2.21
CA ARG B 257 19.58 23.06 -1.03
C ARG B 257 20.74 22.12 -1.37
N SER B 258 20.59 21.34 -2.44
CA SER B 258 21.67 20.47 -2.88
C SER B 258 22.88 21.27 -3.26
N ILE B 259 22.66 22.36 -3.95
CA ILE B 259 23.74 23.25 -4.36
CA ILE B 259 23.76 23.22 -4.37
C ILE B 259 24.45 23.82 -3.14
N GLU B 260 23.69 24.18 -2.13
CA GLU B 260 24.29 24.66 -0.89
C GLU B 260 25.24 23.62 -0.30
N ILE B 261 24.80 22.37 -0.24
CA ILE B 261 25.59 21.32 0.38
C ILE B 261 26.89 21.18 -0.38
N LEU B 262 26.74 21.13 -1.69
CA LEU B 262 27.87 20.89 -2.60
C LEU B 262 28.89 22.02 -2.54
N ARG B 263 28.42 23.25 -2.49
CA ARG B 263 29.35 24.40 -2.33
C ARG B 263 30.11 24.35 -1.00
N ASN B 264 29.51 23.83 0.07
CA ASN B 264 30.22 23.70 1.35
C ASN B 264 31.25 22.60 1.26
N CYS B 265 30.91 21.55 0.51
CA CYS B 265 31.89 20.50 0.22
C CYS B 265 33.06 21.07 -0.61
N ARG B 266 32.77 21.89 -1.60
CA ARG B 266 33.82 22.44 -2.46
C ARG B 266 34.74 23.34 -1.64
N ARG B 267 34.17 24.11 -0.72
CA ARG B 267 34.93 25.01 0.18
C ARG B 267 35.92 24.23 1.02
N ALA B 268 35.50 23.04 1.47
CA ALA B 268 36.23 22.29 2.48
C ALA B 268 37.28 21.40 1.86
N MET B 269 37.06 21.03 0.61
CA MET B 269 37.85 20.01 -0.06
C MET B 269 39.19 20.55 -0.48
N PRO B 270 40.26 19.77 -0.28
CA PRO B 270 41.53 20.16 -0.91
C PRO B 270 41.48 19.96 -2.41
N ALA B 271 42.37 20.62 -3.15
CA ALA B 271 42.31 20.57 -4.62
C ALA B 271 42.58 19.18 -5.20
N HIS B 272 43.21 18.30 -4.43
CA HIS B 272 43.40 16.91 -4.86
C HIS B 272 42.21 16.02 -4.52
N GLY B 273 41.23 16.57 -3.81
CA GLY B 273 40.10 15.75 -3.37
C GLY B 273 39.17 15.34 -4.49
N LYS B 274 38.36 14.31 -4.24
CA LYS B 274 37.34 13.86 -5.15
C LYS B 274 35.98 13.88 -4.44
N LEU B 275 34.92 14.01 -5.23
CA LEU B 275 33.53 13.99 -4.75
C LEU B 275 32.87 12.75 -5.32
N LEU B 276 32.30 11.93 -4.45
CA LEU B 276 31.49 10.79 -4.90
C LEU B 276 30.05 10.89 -4.43
N ILE B 277 29.14 10.87 -5.38
CA ILE B 277 27.70 10.82 -5.13
C ILE B 277 27.28 9.39 -5.37
N VAL B 278 26.74 8.75 -4.34
CA VAL B 278 26.29 7.40 -4.46
C VAL B 278 24.76 7.40 -4.40
N GLU B 279 24.11 7.09 -5.52
CA GLU B 279 22.64 7.24 -5.59
C GLU B 279 21.99 6.43 -6.68
N LEU B 280 20.67 6.38 -6.63
CA LEU B 280 19.87 5.70 -7.66
C LEU B 280 19.67 6.63 -8.85
N VAL B 281 20.67 6.70 -9.71
CA VAL B 281 20.64 7.61 -10.85
C VAL B 281 19.58 7.16 -11.85
N LEU B 282 18.69 8.06 -12.23
CA LEU B 282 17.53 7.70 -13.04
C LEU B 282 17.95 7.44 -14.48
N PRO B 283 17.56 6.29 -15.02
CA PRO B 283 17.90 5.97 -16.39
C PRO B 283 16.97 6.60 -17.37
N GLU B 284 17.31 6.43 -18.64
CA GLU B 284 16.40 6.79 -19.69
C GLU B 284 15.50 5.59 -19.92
N GLY B 285 14.29 5.85 -20.37
CA GLY B 285 13.42 4.78 -20.80
C GLY B 285 12.39 4.43 -19.76
N GLU B 286 11.63 3.39 -20.05
CA GLU B 286 10.44 3.12 -19.31
C GLU B 286 10.54 1.80 -18.57
N GLU B 287 11.76 1.27 -18.47
CA GLU B 287 11.91 0.04 -17.76
C GLU B 287 11.69 0.23 -16.25
N PRO B 288 11.27 -0.82 -15.59
CA PRO B 288 11.15 -0.75 -14.14
C PRO B 288 12.48 -0.40 -13.50
N PHE B 289 12.42 0.47 -12.50
CA PHE B 289 13.58 0.88 -11.73
C PHE B 289 13.11 1.32 -10.36
N PHE B 290 13.71 0.80 -9.29
CA PHE B 290 13.29 1.16 -7.94
C PHE B 290 13.43 2.66 -7.70
N GLY B 291 14.46 3.28 -8.28
CA GLY B 291 14.64 4.70 -8.13
C GLY B 291 13.47 5.53 -8.63
N LYS B 292 12.71 5.06 -9.60
CA LYS B 292 11.51 5.81 -10.02
C LYS B 292 10.46 5.90 -8.93
N TRP B 293 10.36 4.85 -8.11
CA TRP B 293 9.48 4.83 -6.97
C TRP B 293 10.03 5.61 -5.78
N LEU B 294 11.31 5.44 -5.49
CA LEU B 294 11.92 6.24 -4.46
C LEU B 294 11.84 7.73 -4.75
N ASP B 295 11.90 8.08 -6.02
CA ASP B 295 11.74 9.47 -6.46
C ASP B 295 10.44 10.08 -5.92
N LEU B 296 9.37 9.29 -5.93
CA LEU B 296 8.08 9.81 -5.46
C LEU B 296 8.06 9.86 -3.93
N HIS B 297 8.71 8.90 -3.28
CA HIS B 297 8.85 8.93 -1.82
C HIS B 297 9.59 10.21 -1.40
N MET B 298 10.64 10.58 -2.13
CA MET B 298 11.40 11.80 -1.79
C MET B 298 10.54 13.05 -2.01
N LEU B 299 9.64 13.02 -2.97
CA LEU B 299 8.67 14.10 -3.16
C LEU B 299 7.81 14.25 -1.90
N VAL B 300 7.22 13.15 -1.49
CA VAL B 300 6.21 13.15 -0.41
C VAL B 300 6.84 13.56 0.91
N LEU B 301 8.05 13.08 1.17
CA LEU B 301 8.63 13.31 2.50
C LEU B 301 9.38 14.61 2.58
N LEU B 302 10.09 14.92 1.50
CA LEU B 302 11.15 15.92 1.54
C LEU B 302 11.05 16.98 0.46
N GLY B 303 10.06 16.91 -0.43
CA GLY B 303 10.00 17.85 -1.52
C GLY B 303 11.23 17.77 -2.44
N ALA B 304 11.79 16.58 -2.57
CA ALA B 304 13.03 16.39 -3.32
C ALA B 304 12.82 15.38 -4.43
N GLN B 305 13.89 14.75 -4.89
CA GLN B 305 13.82 13.96 -6.08
C GLN B 305 15.04 13.10 -6.28
N GLU B 306 14.91 12.03 -7.06
CA GLU B 306 16.08 11.40 -7.66
C GLU B 306 16.45 12.18 -8.93
N ARG B 307 17.65 11.92 -9.47
CA ARG B 307 18.16 12.75 -10.57
C ARG B 307 18.83 11.92 -11.64
N THR B 308 18.81 12.44 -12.87
CA THR B 308 19.58 11.89 -14.00
C THR B 308 21.01 12.41 -13.96
N ALA B 309 21.88 11.86 -14.80
CA ALA B 309 23.26 12.32 -14.89
C ALA B 309 23.34 13.79 -15.29
N ASP B 310 22.50 14.17 -16.24
CA ASP B 310 22.44 15.53 -16.72
C ASP B 310 22.02 16.47 -15.61
N GLU B 311 21.11 16.03 -14.74
CA GLU B 311 20.74 16.87 -13.61
C GLU B 311 21.89 17.07 -12.63
N PHE B 312 22.67 16.03 -12.37
CA PHE B 312 23.87 16.19 -11.56
C PHE B 312 24.88 17.13 -12.19
N LYS B 313 25.06 17.05 -13.50
CA LYS B 313 25.94 17.99 -14.21
C LYS B 313 25.54 19.43 -13.93
N THR B 314 24.24 19.67 -13.94
CA THR B 314 23.71 21.01 -13.71
C THR B 314 24.00 21.46 -12.29
N LEU B 315 23.82 20.58 -11.31
CA LEU B 315 24.22 20.89 -9.93
C LEU B 315 25.70 21.18 -9.78
N PHE B 316 26.53 20.39 -10.45
CA PHE B 316 28.00 20.51 -10.38
C PHE B 316 28.52 21.86 -10.94
N ALA B 317 28.00 22.27 -12.08
CA ALA B 317 28.33 23.55 -12.69
C ALA B 317 27.98 24.70 -11.76
N ALA B 318 26.92 24.54 -10.97
CA ALA B 318 26.52 25.55 -10.01
C ALA B 318 27.30 25.53 -8.70
N SER B 319 28.12 24.49 -8.53
CA SER B 319 28.84 24.32 -7.27
C SER B 319 30.35 24.12 -7.36
N GLY B 320 30.91 24.29 -8.56
CA GLY B 320 32.37 24.25 -8.74
C GLY B 320 32.95 22.85 -8.85
N PHE B 321 32.19 21.96 -9.50
CA PHE B 321 32.60 20.58 -9.77
C PHE B 321 32.40 20.26 -11.23
N ALA B 322 33.12 19.27 -11.71
CA ALA B 322 32.88 18.72 -13.04
C ALA B 322 32.71 17.22 -12.96
N LEU B 323 31.71 16.70 -13.65
CA LEU B 323 31.47 15.28 -13.74
C LEU B 323 32.63 14.61 -14.46
N GLU B 324 33.28 13.67 -13.79
CA GLU B 324 34.24 12.80 -14.43
C GLU B 324 33.61 11.56 -15.07
N ARG B 325 32.91 10.75 -14.28
CA ARG B 325 32.27 9.59 -14.84
C ARG B 325 31.15 9.10 -13.92
N VAL B 326 30.24 8.34 -14.51
CA VAL B 326 29.18 7.66 -13.78
C VAL B 326 29.44 6.17 -13.84
N LEU B 327 29.94 5.60 -12.74
CA LEU B 327 30.28 4.18 -12.69
C LEU B 327 29.08 3.36 -12.22
N PRO B 328 28.72 2.32 -12.98
CA PRO B 328 27.65 1.42 -12.54
C PRO B 328 28.14 0.49 -11.42
N THR B 329 27.18 -0.11 -10.70
CA THR B 329 27.49 -1.07 -9.63
C THR B 329 26.57 -2.29 -9.80
N ALA B 330 26.90 -3.38 -9.12
CA ALA B 330 26.04 -4.58 -9.13
C ALA B 330 24.76 -4.38 -8.32
N SER B 331 24.32 -3.14 -8.20
CA SER B 331 23.07 -2.81 -7.54
C SER B 331 22.36 -1.79 -8.43
N GLY B 332 21.25 -1.25 -7.94
CA GLY B 332 20.57 -0.16 -8.64
C GLY B 332 21.40 1.11 -8.62
N LEU B 333 22.34 1.19 -7.67
CA LEU B 333 23.09 2.43 -7.47
C LEU B 333 24.14 2.66 -8.54
N SER B 334 24.45 3.95 -8.72
CA SER B 334 25.62 4.37 -9.46
C SER B 334 26.52 5.26 -8.62
N ILE B 335 27.81 5.30 -8.95
CA ILE B 335 28.70 6.27 -8.37
C ILE B 335 28.93 7.39 -9.37
N VAL B 336 28.56 8.61 -8.98
CA VAL B 336 28.85 9.78 -9.79
C VAL B 336 30.12 10.41 -9.22
N GLU B 337 31.21 10.32 -9.98
CA GLU B 337 32.50 10.87 -9.57
C GLU B 337 32.66 12.26 -10.14
N ALA B 338 33.02 13.22 -9.29
CA ALA B 338 33.29 14.57 -9.76
C ALA B 338 34.62 15.08 -9.22
N ARG B 339 35.19 16.04 -9.92
CA ARG B 339 36.41 16.70 -9.47
C ARG B 339 36.14 18.19 -9.23
N PRO B 340 36.84 18.77 -8.26
CA PRO B 340 36.74 20.20 -8.01
C PRO B 340 37.37 21.02 -9.14
N ILE B 341 36.71 22.10 -9.52
CA ILE B 341 37.25 23.04 -10.51
C ILE B 341 37.18 24.49 -9.99
#